data_6SK8
#
_entry.id   6SK8
#
_cell.length_a   92.622
_cell.length_b   58.256
_cell.length_c   154.789
_cell.angle_alpha   90.000
_cell.angle_beta   91.260
_cell.angle_gamma   90.000
#
_symmetry.space_group_name_H-M   'C 1 2 1'
#
loop_
_entity.id
_entity.type
_entity.pdbx_description
1 polymer 'Glycylpeptide N-tetradecanoyltransferase 1'
2 polymer 'Apoptosis-inducing factor 3'
3 non-polymer TETRADECANOYL-COA
4 non-polymer GLYCEROL
5 non-polymer 'CHLORIDE ION'
6 water water
#
loop_
_entity_poly.entity_id
_entity_poly.type
_entity_poly.pdbx_seq_one_letter_code
_entity_poly.pdbx_strand_id
1 'polypeptide(L)'
;GGSEFSVGQGPAKTMEEASKRSYQFWDTQPVPKLGEVVNTHGPVEPDKDNIRQEPYTLPQGFTWDALDLGDRGVLKELYT
LLNENYVEDDDNMFRFDYSPEFLLWALRPPGWLPQWHCGVRVVSSRKLVGFISAIPANIHIYDTEKKMVEINFLCVHKKL
RSKRVAPVLIREITRRVHLEGIFQAVYTAGVVLPKPVGTCRYWHRSLNPRKLIEVKFSHLSRNMTMQRTMKLYRLPETPK
TAGLRPMETKDIPVVHQLLTRYLKQFHLTPVMSQEEVEHWFYPQENIIDTFVVENANGEVTDFLSFYTLPSTIMNHPTHK
SLKAAYSFYNVHTQTPLLDLMSDALVLAKMKGFDVFNALDLMENKTFLEKLKFGIGDGNLQYYLYNWKCPSMGAEKVGL
;
A,B
2 'polypeptide(L)' GDCFSKPR C,D
#
loop_
_chem_comp.id
_chem_comp.type
_chem_comp.name
_chem_comp.formula
CL non-polymer 'CHLORIDE ION' 'Cl -1'
GOL non-polymer GLYCEROL 'C3 H8 O3'
MYA non-polymer TETRADECANOYL-COA 'C35 H62 N7 O17 P3 S'
#
# COMPACT_ATOMS: atom_id res chain seq x y z
N GLY A 8 -31.83 22.78 -6.34
CA GLY A 8 -30.98 21.66 -6.01
C GLY A 8 -31.52 20.34 -6.58
N GLN A 9 -31.33 20.15 -7.88
CA GLN A 9 -31.87 18.98 -8.57
C GLN A 9 -31.38 17.69 -7.91
N GLY A 10 -32.32 16.75 -7.72
CA GLY A 10 -32.11 15.64 -6.83
C GLY A 10 -31.72 14.31 -7.46
N PRO A 11 -31.39 13.35 -6.61
CA PRO A 11 -30.83 12.08 -7.09
C PRO A 11 -31.87 11.17 -7.73
N ALA A 12 -31.36 10.27 -8.58
CA ALA A 12 -32.16 9.29 -9.28
C ALA A 12 -31.96 7.92 -8.69
N LYS A 13 -33.04 7.14 -8.60
CA LYS A 13 -33.01 5.80 -8.02
C LYS A 13 -33.06 4.69 -9.06
N THR A 14 -33.66 4.95 -10.22
CA THR A 14 -33.70 3.99 -11.31
C THR A 14 -33.01 4.59 -12.54
N MET A 15 -32.57 3.70 -13.43
CA MET A 15 -31.83 4.14 -14.61
C MET A 15 -32.68 5.02 -15.50
N GLU A 16 -33.99 4.75 -15.59
CA GLU A 16 -34.87 5.59 -16.40
C GLU A 16 -35.03 6.97 -15.78
N GLU A 17 -35.07 7.05 -14.45
CA GLU A 17 -34.97 8.34 -13.79
C GLU A 17 -33.64 9.01 -14.06
N ALA A 18 -32.57 8.22 -14.20
CA ALA A 18 -31.26 8.77 -14.51
C ALA A 18 -31.15 9.23 -15.96
N SER A 19 -32.06 8.80 -16.81
CA SER A 19 -32.01 9.19 -18.22
C SER A 19 -32.37 10.66 -18.38
N LYS A 20 -33.34 11.17 -17.63
CA LYS A 20 -33.71 12.57 -17.73
C LYS A 20 -32.60 13.48 -17.20
N ARG A 21 -31.98 13.08 -16.09
CA ARG A 21 -31.05 13.95 -15.37
C ARG A 21 -29.81 14.26 -16.20
N SER A 22 -29.23 15.43 -15.93
CA SER A 22 -27.90 15.79 -16.39
C SER A 22 -26.98 15.88 -15.18
N TYR A 23 -25.75 15.40 -15.32
CA TYR A 23 -24.83 15.27 -14.21
C TYR A 23 -23.74 16.32 -14.37
N GLN A 24 -24.01 17.52 -13.84
CA GLN A 24 -23.11 18.66 -14.02
C GLN A 24 -21.71 18.36 -13.50
N PHE A 25 -21.60 17.59 -12.42
CA PHE A 25 -20.30 17.21 -11.88
C PHE A 25 -19.76 15.94 -12.54
N TRP A 26 -20.56 14.88 -12.56
CA TRP A 26 -20.05 13.59 -13.04
C TRP A 26 -19.73 13.60 -14.52
N ASP A 27 -20.30 14.53 -15.30
CA ASP A 27 -19.87 14.68 -16.69
C ASP A 27 -18.44 15.17 -16.80
N THR A 28 -17.92 15.82 -15.77
CA THR A 28 -16.55 16.30 -15.76
C THR A 28 -15.55 15.23 -15.32
N GLN A 29 -16.02 14.10 -14.84
CA GLN A 29 -15.20 13.08 -14.20
C GLN A 29 -14.87 11.96 -15.17
N PRO A 30 -13.65 11.21 -14.94
CA PRO A 30 -13.26 10.08 -15.79
C PRO A 30 -14.09 8.84 -15.49
N VAL A 31 -15.38 8.93 -15.82
CA VAL A 31 -16.28 7.77 -15.74
C VAL A 31 -17.10 7.71 -17.01
N PRO A 32 -17.49 6.50 -17.42
CA PRO A 32 -18.30 6.36 -18.64
C PRO A 32 -19.63 7.08 -18.50
N LYS A 33 -20.14 7.56 -19.64
CA LYS A 33 -21.45 8.18 -19.67
C LYS A 33 -22.52 7.11 -19.55
N LEU A 34 -23.64 7.46 -18.93
CA LEU A 34 -24.77 6.54 -18.86
C LEU A 34 -25.27 6.20 -20.25
N GLY A 35 -25.55 4.93 -20.48
CA GLY A 35 -25.98 4.47 -21.78
C GLY A 35 -24.87 4.19 -22.76
N GLU A 36 -23.69 4.77 -22.56
CA GLU A 36 -22.54 4.37 -23.34
C GLU A 36 -22.33 2.87 -23.21
N VAL A 37 -22.27 2.19 -24.34
CA VAL A 37 -22.01 0.75 -24.34
C VAL A 37 -20.50 0.56 -24.29
N VAL A 38 -20.06 -0.27 -23.34
CA VAL A 38 -18.65 -0.42 -23.03
C VAL A 38 -18.21 -1.81 -23.49
N ASN A 39 -17.25 -1.85 -24.41
CA ASN A 39 -16.71 -3.10 -24.91
C ASN A 39 -15.21 -3.22 -24.70
N THR A 40 -14.62 -2.34 -23.88
CA THR A 40 -13.19 -2.32 -23.65
C THR A 40 -12.88 -2.41 -22.17
N HIS A 41 -11.61 -2.64 -21.85
CA HIS A 41 -11.13 -2.74 -20.48
C HIS A 41 -9.91 -1.86 -20.32
N GLY A 42 -9.98 -0.91 -19.38
CA GLY A 42 -8.86 -0.04 -19.12
C GLY A 42 -9.26 1.29 -18.51
N PRO A 43 -8.26 2.13 -18.22
CA PRO A 43 -8.56 3.43 -17.59
C PRO A 43 -9.28 4.35 -18.57
N VAL A 44 -10.10 5.23 -18.00
CA VAL A 44 -10.79 6.22 -18.83
C VAL A 44 -9.80 7.27 -19.32
N GLU A 45 -8.80 7.60 -18.50
CA GLU A 45 -7.79 8.58 -18.83
C GLU A 45 -6.45 8.09 -18.28
N PRO A 46 -5.34 8.55 -18.87
CA PRO A 46 -4.03 8.15 -18.34
C PRO A 46 -3.79 8.73 -16.95
N ASP A 47 -2.80 8.14 -16.27
CA ASP A 47 -2.42 8.63 -14.96
C ASP A 47 -1.78 10.02 -15.08
N LYS A 48 -2.12 10.89 -14.14
CA LYS A 48 -1.49 12.20 -14.06
C LYS A 48 -0.13 12.05 -13.39
N ASP A 49 0.90 12.66 -13.97
CA ASP A 49 2.23 12.60 -13.40
C ASP A 49 2.66 13.90 -12.73
N ASN A 50 1.74 14.86 -12.59
CA ASN A 50 1.92 15.96 -11.65
C ASN A 50 0.57 16.24 -11.02
N ILE A 51 0.53 16.34 -9.70
CA ILE A 51 -0.71 16.41 -8.95
C ILE A 51 -0.79 17.74 -8.22
N ARG A 52 -1.96 18.38 -8.30
CA ARG A 52 -2.23 19.62 -7.57
C ARG A 52 -1.84 19.48 -6.10
N GLN A 53 -1.01 20.42 -5.63
CA GLN A 53 -0.51 20.39 -4.26
C GLN A 53 -1.43 21.08 -3.27
N GLU A 54 -2.28 21.92 -3.72
CA GLU A 54 -3.12 22.70 -2.83
C GLU A 54 -4.52 22.12 -2.76
N PRO A 55 -5.08 22.03 -1.55
CA PRO A 55 -6.45 21.52 -1.41
C PRO A 55 -7.43 22.35 -2.24
N TYR A 56 -8.48 21.70 -2.70
CA TYR A 56 -9.51 22.42 -3.43
C TYR A 56 -10.20 23.42 -2.52
N THR A 57 -10.72 24.48 -3.13
CA THR A 57 -11.34 25.56 -2.39
C THR A 57 -12.70 25.13 -1.86
N LEU A 58 -12.92 25.35 -0.59
CA LEU A 58 -14.23 25.23 0.03
C LEU A 58 -14.93 26.57 0.00
N PRO A 59 -16.26 26.59 0.08
CA PRO A 59 -16.97 27.86 0.22
C PRO A 59 -16.50 28.59 1.47
N GLN A 60 -16.65 29.92 1.45
CA GLN A 60 -16.18 30.75 2.55
C GLN A 60 -16.76 30.25 3.88
N GLY A 61 -15.90 30.24 4.90
CA GLY A 61 -16.32 29.83 6.23
C GLY A 61 -16.16 28.35 6.52
N PHE A 62 -15.56 27.58 5.61
CA PHE A 62 -15.34 26.17 5.82
C PHE A 62 -13.88 25.84 5.51
N THR A 63 -13.34 24.82 6.18
CA THR A 63 -11.94 24.48 6.05
C THR A 63 -11.76 22.98 6.20
N TRP A 64 -10.67 22.46 5.63
CA TRP A 64 -10.34 21.04 5.69
C TRP A 64 -9.71 20.68 7.03
N ASP A 65 -9.90 19.43 7.45
CA ASP A 65 -9.24 18.92 8.64
C ASP A 65 -9.24 17.40 8.58
N ALA A 66 -8.06 16.80 8.51
CA ALA A 66 -7.96 15.35 8.55
C ALA A 66 -8.30 14.86 9.95
N LEU A 67 -9.18 13.88 10.04
CA LEU A 67 -9.68 13.40 11.33
C LEU A 67 -8.80 12.26 11.84
N ASP A 68 -8.16 12.48 12.98
CA ASP A 68 -7.41 11.44 13.68
C ASP A 68 -8.40 10.63 14.48
N LEU A 69 -8.85 9.50 13.92
CA LEU A 69 -9.84 8.67 14.61
C LEU A 69 -9.28 7.99 15.85
N GLY A 70 -7.95 8.02 16.04
CA GLY A 70 -7.36 7.61 17.30
C GLY A 70 -7.60 8.58 18.43
N ASP A 71 -7.92 9.83 18.09
CA ASP A 71 -8.38 10.80 19.09
C ASP A 71 -9.83 10.48 19.42
N ARG A 72 -10.11 10.22 20.71
N ARG A 72 -10.11 10.23 20.70
CA ARG A 72 -11.44 9.78 21.11
CA ARG A 72 -11.44 9.77 21.10
C ARG A 72 -12.49 10.84 20.81
C ARG A 72 -12.50 10.84 20.80
N GLY A 73 -12.22 12.09 21.15
CA GLY A 73 -13.18 13.15 20.91
C GLY A 73 -13.45 13.36 19.43
N VAL A 74 -12.40 13.23 18.60
CA VAL A 74 -12.56 13.40 17.16
C VAL A 74 -13.39 12.26 16.58
N LEU A 75 -13.12 11.02 17.00
CA LEU A 75 -13.95 9.90 16.60
C LEU A 75 -15.39 10.11 17.04
N LYS A 76 -15.60 10.71 18.20
CA LYS A 76 -16.95 11.02 18.65
C LYS A 76 -17.61 12.06 17.74
N GLU A 77 -16.84 13.06 17.30
CA GLU A 77 -17.39 14.04 16.37
C GLU A 77 -17.85 13.40 15.08
N LEU A 78 -17.10 12.41 14.60
CA LEU A 78 -17.46 11.75 13.35
C LEU A 78 -18.68 10.88 13.51
N TYR A 79 -18.77 10.10 14.61
CA TYR A 79 -19.96 9.28 14.86
CA TYR A 79 -19.97 9.28 14.71
C TYR A 79 -21.21 10.14 14.95
N THR A 80 -21.08 11.32 15.56
CA THR A 80 -22.22 12.19 15.73
C THR A 80 -22.66 12.78 14.39
N LEU A 81 -21.70 13.18 13.55
N LEU A 81 -21.69 13.20 13.57
CA LEU A 81 -22.03 13.67 12.22
CA LEU A 81 -21.98 13.66 12.21
C LEU A 81 -22.78 12.63 11.40
C LEU A 81 -22.79 12.61 11.44
N LEU A 82 -22.26 11.39 11.39
CA LEU A 82 -22.91 10.33 10.63
C LEU A 82 -24.23 9.92 11.28
N ASN A 83 -24.26 9.82 12.61
CA ASN A 83 -25.48 9.40 13.29
C ASN A 83 -26.64 10.34 12.99
N GLU A 84 -26.36 11.60 12.65
CA GLU A 84 -27.38 12.60 12.45
C GLU A 84 -27.57 13.02 11.00
N ASN A 85 -26.66 12.61 10.10
CA ASN A 85 -26.71 13.15 8.74
C ASN A 85 -26.40 12.11 7.66
N TYR A 86 -26.29 10.83 7.99
CA TYR A 86 -25.89 9.85 6.98
C TYR A 86 -27.13 9.23 6.35
N VAL A 87 -26.97 8.05 5.75
CA VAL A 87 -28.02 7.47 4.91
C VAL A 87 -29.28 7.24 5.72
N GLU A 88 -30.40 7.75 5.21
CA GLU A 88 -31.73 7.53 5.76
C GLU A 88 -32.56 6.71 4.78
N ASP A 89 -33.67 6.18 5.28
CA ASP A 89 -34.71 5.71 4.37
C ASP A 89 -35.44 6.91 3.79
N ASP A 90 -36.20 6.66 2.72
CA ASP A 90 -36.87 7.77 2.04
C ASP A 90 -37.95 8.42 2.92
N ASP A 91 -38.56 7.65 3.81
CA ASP A 91 -39.64 8.17 4.65
C ASP A 91 -39.16 8.68 6.00
N ASN A 92 -37.84 8.86 6.17
CA ASN A 92 -37.27 9.47 7.36
C ASN A 92 -37.71 8.74 8.64
N MET A 93 -37.71 7.41 8.58
CA MET A 93 -38.03 6.60 9.75
C MET A 93 -36.83 5.88 10.34
N PHE A 94 -35.75 5.67 9.57
CA PHE A 94 -34.58 4.97 10.05
C PHE A 94 -33.32 5.63 9.53
N ARG A 95 -32.31 5.74 10.38
CA ARG A 95 -31.00 6.22 9.96
C ARG A 95 -29.94 5.30 10.55
N PHE A 96 -28.94 4.96 9.74
CA PHE A 96 -27.87 4.07 10.18
C PHE A 96 -27.23 4.59 11.46
N ASP A 97 -26.90 3.67 12.37
CA ASP A 97 -26.27 3.99 13.64
C ASP A 97 -24.91 3.30 13.70
N TYR A 98 -23.95 3.82 12.94
CA TYR A 98 -22.58 3.32 12.99
C TYR A 98 -21.97 3.61 14.34
N SER A 99 -21.46 2.58 15.02
CA SER A 99 -20.84 2.77 16.32
C SER A 99 -19.39 3.23 16.16
N PRO A 100 -18.79 3.80 17.22
CA PRO A 100 -17.39 4.24 17.11
C PRO A 100 -16.43 3.11 16.82
N GLU A 101 -16.66 1.95 17.43
CA GLU A 101 -15.80 0.81 17.17
C GLU A 101 -15.98 0.26 15.76
N PHE A 102 -17.21 0.32 15.24
CA PHE A 102 -17.44 -0.07 13.84
C PHE A 102 -16.71 0.87 12.90
N LEU A 103 -16.73 2.17 13.19
CA LEU A 103 -16.05 3.12 12.31
C LEU A 103 -14.55 2.87 12.30
N LEU A 104 -13.97 2.48 13.45
CA LEU A 104 -12.54 2.15 13.47
C LEU A 104 -12.27 0.89 12.64
N TRP A 105 -13.19 -0.07 12.69
CA TRP A 105 -13.06 -1.28 11.88
C TRP A 105 -13.15 -0.95 10.39
N ALA A 106 -14.11 -0.11 10.01
CA ALA A 106 -14.29 0.21 8.59
C ALA A 106 -13.26 1.20 8.08
N LEU A 107 -12.74 2.09 8.92
CA LEU A 107 -11.91 3.21 8.46
C LEU A 107 -10.43 3.07 8.79
N ARG A 108 -10.05 2.07 9.60
CA ARG A 108 -8.64 1.81 9.89
C ARG A 108 -8.27 0.36 9.58
N PRO A 109 -8.51 -0.12 8.36
CA PRO A 109 -7.98 -1.42 7.97
C PRO A 109 -6.49 -1.30 7.68
N PRO A 110 -5.80 -2.40 7.42
CA PRO A 110 -4.37 -2.31 7.08
C PRO A 110 -4.11 -1.32 5.96
N GLY A 111 -3.11 -0.46 6.15
CA GLY A 111 -2.74 0.55 5.19
C GLY A 111 -3.55 1.83 5.22
N TRP A 112 -4.44 2.01 6.19
CA TRP A 112 -5.18 3.25 6.28
C TRP A 112 -4.21 4.44 6.42
N LEU A 113 -4.61 5.58 5.85
CA LEU A 113 -3.79 6.78 5.89
C LEU A 113 -4.56 7.94 6.52
N PRO A 114 -3.90 8.74 7.37
CA PRO A 114 -4.63 9.81 8.09
C PRO A 114 -5.23 10.86 7.18
N GLN A 115 -4.55 11.21 6.09
CA GLN A 115 -5.10 12.22 5.18
C GLN A 115 -6.32 11.72 4.41
N TRP A 116 -6.58 10.41 4.40
CA TRP A 116 -7.76 9.88 3.74
C TRP A 116 -8.99 9.86 4.64
N HIS A 117 -8.89 10.40 5.85
CA HIS A 117 -10.06 10.65 6.69
C HIS A 117 -10.32 12.15 6.62
N CYS A 118 -11.03 12.54 5.57
CA CYS A 118 -11.05 13.91 5.09
C CYS A 118 -12.32 14.60 5.56
N GLY A 119 -12.19 15.43 6.60
CA GLY A 119 -13.31 16.14 7.16
C GLY A 119 -13.35 17.60 6.74
N VAL A 120 -14.54 18.19 6.87
CA VAL A 120 -14.77 19.61 6.63
C VAL A 120 -15.34 20.23 7.90
N ARG A 121 -14.71 21.30 8.37
CA ARG A 121 -15.14 21.97 9.59
C ARG A 121 -15.53 23.42 9.28
N VAL A 122 -16.47 23.93 10.07
CA VAL A 122 -16.77 25.35 10.06
C VAL A 122 -15.57 26.10 10.64
N VAL A 123 -15.13 27.15 9.95
CA VAL A 123 -13.91 27.85 10.35
C VAL A 123 -14.08 28.47 11.74
N SER A 124 -15.20 29.15 11.99
CA SER A 124 -15.34 29.92 13.22
C SER A 124 -15.58 29.04 14.44
N SER A 125 -16.30 27.93 14.28
CA SER A 125 -16.68 27.10 15.42
C SER A 125 -15.94 25.77 15.47
N ARG A 126 -15.29 25.36 14.39
CA ARG A 126 -14.64 24.06 14.25
C ARG A 126 -15.65 22.91 14.27
N LYS A 127 -16.93 23.20 14.02
CA LYS A 127 -17.94 22.17 13.99
C LYS A 127 -17.76 21.28 12.75
N LEU A 128 -17.80 19.96 12.96
CA LEU A 128 -17.64 19.01 11.86
C LEU A 128 -18.92 18.92 11.06
N VAL A 129 -18.85 19.26 9.77
CA VAL A 129 -20.03 19.34 8.92
C VAL A 129 -19.89 18.55 7.62
N GLY A 130 -18.76 17.88 7.40
CA GLY A 130 -18.57 17.12 6.18
C GLY A 130 -17.50 16.07 6.36
N PHE A 131 -17.56 15.03 5.53
CA PHE A 131 -16.61 13.93 5.64
C PHE A 131 -16.62 13.10 4.36
N ILE A 132 -15.48 12.50 4.08
CA ILE A 132 -15.36 11.49 3.02
C ILE A 132 -14.08 10.72 3.33
N SER A 133 -14.06 9.44 2.92
CA SER A 133 -12.95 8.58 3.33
C SER A 133 -12.51 7.70 2.17
N ALA A 134 -11.22 7.35 2.21
CA ALA A 134 -10.63 6.35 1.34
C ALA A 134 -9.88 5.34 2.21
N ILE A 135 -9.94 4.07 1.81
CA ILE A 135 -9.11 3.02 2.39
C ILE A 135 -8.47 2.30 1.21
N PRO A 136 -7.24 1.80 1.34
CA PRO A 136 -6.61 1.10 0.21
C PRO A 136 -7.26 -0.26 -0.01
N ALA A 137 -7.34 -0.65 -1.27
CA ALA A 137 -8.00 -1.90 -1.62
C ALA A 137 -7.44 -2.42 -2.94
N ASN A 138 -6.87 -3.62 -2.92
CA ASN A 138 -6.48 -4.28 -4.15
C ASN A 138 -7.70 -4.95 -4.76
N ILE A 139 -8.05 -4.56 -5.99
CA ILE A 139 -9.31 -4.93 -6.62
C ILE A 139 -9.03 -5.77 -7.86
N HIS A 140 -9.69 -6.91 -7.94
CA HIS A 140 -9.70 -7.73 -9.14
C HIS A 140 -10.96 -7.40 -9.94
N ILE A 141 -10.77 -6.88 -11.16
CA ILE A 141 -11.89 -6.54 -12.04
C ILE A 141 -11.64 -7.22 -13.37
N TYR A 142 -12.43 -8.25 -13.68
CA TYR A 142 -12.21 -9.11 -14.84
C TYR A 142 -10.80 -9.68 -14.85
N ASP A 143 -9.99 -9.34 -15.86
CA ASP A 143 -8.65 -9.89 -16.00
C ASP A 143 -7.56 -8.98 -15.42
N THR A 144 -7.93 -7.98 -14.62
CA THR A 144 -6.98 -7.01 -14.11
C THR A 144 -7.02 -6.97 -12.59
N GLU A 145 -5.84 -6.98 -11.96
CA GLU A 145 -5.68 -6.72 -10.54
CA GLU A 145 -5.69 -6.71 -10.54
C GLU A 145 -4.97 -5.39 -10.37
N LYS A 146 -5.61 -4.45 -9.69
CA LYS A 146 -5.06 -3.11 -9.57
C LYS A 146 -5.22 -2.60 -8.14
N LYS A 147 -4.21 -1.88 -7.67
CA LYS A 147 -4.30 -1.19 -6.39
C LYS A 147 -5.25 0.00 -6.53
N MET A 148 -6.33 -0.03 -5.77
CA MET A 148 -7.30 1.07 -5.80
C MET A 148 -7.55 1.57 -4.39
N VAL A 149 -8.55 2.43 -4.24
CA VAL A 149 -9.12 2.78 -2.94
C VAL A 149 -10.61 2.49 -3.00
N GLU A 150 -11.20 2.35 -1.82
CA GLU A 150 -12.64 2.25 -1.70
C GLU A 150 -13.12 3.48 -0.94
N ILE A 151 -14.00 4.25 -1.57
CA ILE A 151 -14.50 5.50 -1.01
C ILE A 151 -15.81 5.22 -0.29
N ASN A 152 -15.91 5.67 0.96
CA ASN A 152 -17.11 5.42 1.76
C ASN A 152 -17.29 6.59 2.72
N PHE A 153 -18.50 6.68 3.27
CA PHE A 153 -18.85 7.65 4.30
C PHE A 153 -18.81 9.10 3.80
N LEU A 154 -19.12 9.32 2.53
CA LEU A 154 -19.38 10.67 2.06
C LEU A 154 -20.60 11.22 2.80
N CYS A 155 -20.44 12.35 3.48
CA CYS A 155 -21.53 12.89 4.29
C CYS A 155 -21.44 14.41 4.33
N VAL A 156 -22.56 15.06 4.05
CA VAL A 156 -22.69 16.51 4.14
C VAL A 156 -23.78 16.81 5.16
N HIS A 157 -23.47 17.67 6.13
CA HIS A 157 -24.44 18.05 7.14
C HIS A 157 -25.72 18.55 6.49
N LYS A 158 -26.86 18.19 7.09
CA LYS A 158 -28.16 18.53 6.51
C LYS A 158 -28.28 20.02 6.25
N LYS A 159 -27.68 20.85 7.10
CA LYS A 159 -27.72 22.29 6.88
C LYS A 159 -26.85 22.73 5.70
N LEU A 160 -26.01 21.86 5.16
CA LEU A 160 -25.12 22.19 4.06
C LEU A 160 -25.57 21.59 2.73
N ARG A 161 -26.76 20.99 2.68
CA ARG A 161 -27.15 20.20 1.52
C ARG A 161 -27.40 21.08 0.30
N SER A 162 -27.19 20.48 -0.87
CA SER A 162 -27.51 21.10 -2.16
C SER A 162 -26.77 22.41 -2.37
N LYS A 163 -25.58 22.53 -1.80
CA LYS A 163 -24.71 23.68 -2.03
C LYS A 163 -23.42 23.28 -2.74
N ARG A 164 -23.41 22.13 -3.42
CA ARG A 164 -22.26 21.67 -4.21
C ARG A 164 -21.02 21.41 -3.35
N VAL A 165 -21.24 20.97 -2.11
CA VAL A 165 -20.12 20.61 -1.23
C VAL A 165 -19.63 19.18 -1.48
N ALA A 166 -20.51 18.27 -1.90
CA ALA A 166 -20.06 16.92 -2.22
C ALA A 166 -19.08 16.87 -3.38
N PRO A 167 -19.27 17.61 -4.49
CA PRO A 167 -18.21 17.64 -5.52
C PRO A 167 -16.85 18.07 -4.99
N VAL A 168 -16.81 18.99 -4.03
CA VAL A 168 -15.53 19.40 -3.46
C VAL A 168 -14.91 18.25 -2.67
N LEU A 169 -15.73 17.54 -1.89
CA LEU A 169 -15.23 16.40 -1.13
C LEU A 169 -14.69 15.32 -2.05
N ILE A 170 -15.39 15.06 -3.16
CA ILE A 170 -14.97 14.02 -4.10
C ILE A 170 -13.65 14.42 -4.77
N ARG A 171 -13.55 15.66 -5.23
N ARG A 171 -13.56 15.66 -5.25
CA ARG A 171 -12.33 16.09 -5.91
CA ARG A 171 -12.32 16.10 -5.91
C ARG A 171 -11.14 16.13 -4.96
C ARG A 171 -11.15 16.09 -4.94
N GLU A 172 -11.37 16.51 -3.69
CA GLU A 172 -10.28 16.59 -2.74
C GLU A 172 -9.76 15.20 -2.35
N ILE A 173 -10.67 14.25 -2.10
CA ILE A 173 -10.19 12.90 -1.78
C ILE A 173 -9.54 12.27 -3.01
N THR A 174 -10.04 12.61 -4.21
CA THR A 174 -9.37 12.20 -5.44
C THR A 174 -7.94 12.71 -5.48
N ARG A 175 -7.76 14.01 -5.20
CA ARG A 175 -6.42 14.59 -5.20
C ARG A 175 -5.53 13.91 -4.16
N ARG A 176 -6.06 13.66 -2.95
CA ARG A 176 -5.26 13.02 -1.93
C ARG A 176 -4.92 11.58 -2.28
N VAL A 177 -5.78 10.90 -3.05
CA VAL A 177 -5.46 9.55 -3.50
C VAL A 177 -4.43 9.59 -4.63
N HIS A 178 -4.58 10.56 -5.55
CA HIS A 178 -3.62 10.73 -6.63
C HIS A 178 -2.22 11.00 -6.11
N LEU A 179 -2.10 11.72 -5.00
CA LEU A 179 -0.79 11.99 -4.41
C LEU A 179 -0.09 10.70 -4.00
N GLU A 180 -0.84 9.68 -3.62
CA GLU A 180 -0.28 8.38 -3.24
C GLU A 180 -0.08 7.46 -4.43
N GLY A 181 -0.30 7.95 -5.65
CA GLY A 181 -0.05 7.19 -6.85
C GLY A 181 -1.17 6.28 -7.30
N ILE A 182 -2.35 6.37 -6.70
CA ILE A 182 -3.49 5.53 -7.07
C ILE A 182 -4.45 6.34 -7.94
N PHE A 183 -4.92 5.72 -9.03
CA PHE A 183 -5.73 6.42 -10.01
C PHE A 183 -7.07 5.73 -10.31
N GLN A 184 -7.43 4.70 -9.56
CA GLN A 184 -8.75 4.07 -9.67
C GLN A 184 -9.35 3.92 -8.28
N ALA A 185 -10.69 3.90 -8.24
CA ALA A 185 -11.40 3.74 -6.99
C ALA A 185 -12.68 2.94 -7.24
N VAL A 186 -13.13 2.26 -6.19
CA VAL A 186 -14.40 1.56 -6.20
CA VAL A 186 -14.40 1.54 -6.19
C VAL A 186 -15.29 2.18 -5.13
N TYR A 187 -16.59 2.24 -5.40
CA TYR A 187 -17.53 2.81 -4.45
C TYR A 187 -18.92 2.30 -4.78
N THR A 188 -19.81 2.41 -3.79
CA THR A 188 -21.20 1.99 -3.94
C THR A 188 -22.11 3.11 -3.49
N ALA A 189 -23.35 3.06 -3.97
CA ALA A 189 -24.34 4.08 -3.61
C ALA A 189 -25.73 3.56 -3.95
N GLY A 190 -26.72 4.11 -3.25
CA GLY A 190 -28.10 3.80 -3.53
C GLY A 190 -28.74 4.64 -4.61
N VAL A 191 -28.01 5.61 -5.15
CA VAL A 191 -28.49 6.42 -6.26
C VAL A 191 -27.75 5.99 -7.52
N VAL A 192 -28.35 6.31 -8.67
CA VAL A 192 -27.76 5.99 -9.96
C VAL A 192 -26.93 7.18 -10.43
N LEU A 193 -25.67 6.90 -10.75
CA LEU A 193 -24.71 7.87 -11.24
C LEU A 193 -24.04 7.28 -12.47
N PRO A 194 -23.37 8.10 -13.29
CA PRO A 194 -22.56 7.51 -14.36
C PRO A 194 -21.30 6.87 -13.77
N LYS A 195 -21.07 5.56 -13.97
CA LYS A 195 -22.00 4.64 -14.61
C LYS A 195 -21.88 3.30 -13.89
N PRO A 196 -23.00 2.72 -13.46
CA PRO A 196 -22.90 1.49 -12.66
C PRO A 196 -22.26 0.35 -13.45
N VAL A 197 -21.29 -0.31 -12.83
CA VAL A 197 -20.72 -1.53 -13.40
C VAL A 197 -21.57 -2.74 -13.02
N GLY A 198 -22.40 -2.61 -11.99
CA GLY A 198 -23.31 -3.66 -11.58
C GLY A 198 -24.39 -3.11 -10.67
N THR A 199 -25.56 -3.72 -10.69
CA THR A 199 -26.68 -3.30 -9.85
C THR A 199 -27.14 -4.50 -9.03
N CYS A 200 -27.08 -4.37 -7.71
CA CYS A 200 -27.50 -5.42 -6.79
C CYS A 200 -28.73 -4.96 -6.01
N ARG A 201 -29.53 -5.93 -5.60
CA ARG A 201 -30.78 -5.68 -4.90
C ARG A 201 -30.70 -6.21 -3.48
N TYR A 202 -31.18 -5.43 -2.52
CA TYR A 202 -31.24 -5.90 -1.15
C TYR A 202 -32.40 -6.88 -0.97
N TRP A 203 -32.15 -7.91 -0.18
CA TRP A 203 -33.18 -8.81 0.33
C TRP A 203 -33.10 -8.83 1.85
N HIS A 204 -34.22 -9.14 2.48
CA HIS A 204 -34.39 -9.00 3.92
C HIS A 204 -35.04 -10.25 4.49
N ARG A 205 -34.40 -10.84 5.51
CA ARG A 205 -34.91 -12.03 6.19
C ARG A 205 -35.38 -11.60 7.57
N SER A 206 -36.69 -11.63 7.78
CA SER A 206 -37.23 -11.22 9.08
C SER A 206 -36.83 -12.22 10.15
N LEU A 207 -36.26 -11.72 11.25
CA LEU A 207 -35.92 -12.51 12.42
C LEU A 207 -36.89 -12.30 13.57
N ASN A 208 -37.24 -11.05 13.87
CA ASN A 208 -38.27 -10.72 14.85
C ASN A 208 -39.38 -10.00 14.09
N PRO A 209 -40.28 -10.74 13.44
CA PRO A 209 -41.24 -10.09 12.56
C PRO A 209 -42.15 -9.09 13.27
N ARG A 210 -42.47 -9.36 14.54
CA ARG A 210 -43.38 -8.47 15.27
C ARG A 210 -42.79 -7.07 15.41
N LYS A 211 -41.52 -6.99 15.85
CA LYS A 211 -40.87 -5.69 15.98
C LYS A 211 -40.73 -5.01 14.62
N LEU A 212 -40.35 -5.76 13.58
CA LEU A 212 -40.19 -5.17 12.26
C LEU A 212 -41.48 -4.56 11.76
N ILE A 213 -42.61 -5.24 12.01
CA ILE A 213 -43.91 -4.70 11.60
C ILE A 213 -44.34 -3.56 12.52
N GLU A 214 -44.03 -3.64 13.82
CA GLU A 214 -44.40 -2.57 14.75
C GLU A 214 -43.77 -1.23 14.34
N VAL A 215 -42.45 -1.23 14.12
CA VAL A 215 -41.76 -0.01 13.71
C VAL A 215 -41.95 0.29 12.23
N LYS A 216 -42.70 -0.54 11.51
CA LYS A 216 -43.03 -0.33 10.11
C LYS A 216 -41.79 -0.39 9.22
N PHE A 217 -40.84 -1.26 9.58
CA PHE A 217 -39.78 -1.64 8.65
C PHE A 217 -40.32 -2.60 7.59
N SER A 218 -41.11 -3.58 8.01
CA SER A 218 -41.87 -4.44 7.11
C SER A 218 -43.35 -4.28 7.40
N HIS A 219 -44.18 -4.85 6.54
CA HIS A 219 -45.63 -4.79 6.69
CA HIS A 219 -45.62 -4.79 6.67
C HIS A 219 -46.20 -6.20 6.64
N LEU A 220 -47.45 -6.33 7.08
CA LEU A 220 -48.14 -7.60 6.99
C LEU A 220 -48.58 -7.87 5.55
N SER A 221 -48.41 -9.11 5.12
CA SER A 221 -48.89 -9.51 3.81
C SER A 221 -50.42 -9.50 3.80
N ARG A 222 -50.96 -9.31 2.59
CA ARG A 222 -52.35 -8.86 2.42
C ARG A 222 -53.33 -9.61 3.32
N ASN A 223 -53.32 -10.94 3.25
CA ASN A 223 -54.24 -11.74 4.04
C ASN A 223 -53.54 -12.49 5.17
N MET A 224 -52.35 -12.05 5.55
CA MET A 224 -51.55 -12.75 6.55
C MET A 224 -51.67 -12.07 7.90
N THR A 225 -51.84 -12.87 8.95
CA THR A 225 -51.93 -12.35 10.30
C THR A 225 -50.54 -12.25 10.92
N MET A 226 -50.46 -11.53 12.03
CA MET A 226 -49.21 -11.51 12.80
C MET A 226 -48.84 -12.92 13.24
N GLN A 227 -49.82 -13.69 13.73
CA GLN A 227 -49.55 -15.04 14.18
C GLN A 227 -49.06 -15.93 13.03
N ARG A 228 -49.65 -15.78 11.85
CA ARG A 228 -49.18 -16.52 10.69
C ARG A 228 -47.76 -16.10 10.31
N THR A 229 -47.49 -14.80 10.34
CA THR A 229 -46.17 -14.29 9.95
C THR A 229 -45.08 -14.81 10.88
N MET A 230 -45.34 -14.79 12.20
CA MET A 230 -44.35 -15.25 13.16
C MET A 230 -44.03 -16.73 12.97
N LYS A 231 -45.06 -17.54 12.67
CA LYS A 231 -44.83 -18.95 12.39
C LYS A 231 -44.07 -19.15 11.07
N LEU A 232 -44.32 -18.30 10.08
CA LEU A 232 -43.62 -18.41 8.81
C LEU A 232 -42.11 -18.28 8.98
N TYR A 233 -41.67 -17.33 9.80
CA TYR A 233 -40.26 -16.99 9.93
C TYR A 233 -39.59 -17.63 11.15
N ARG A 234 -40.27 -18.57 11.81
CA ARG A 234 -39.68 -19.22 12.98
C ARG A 234 -38.50 -20.11 12.58
N LEU A 235 -37.43 -20.02 13.34
CA LEU A 235 -36.17 -20.66 13.01
C LEU A 235 -35.81 -21.74 14.02
N PRO A 236 -34.94 -22.68 13.65
CA PRO A 236 -34.39 -23.60 14.66
C PRO A 236 -33.67 -22.84 15.76
N GLU A 237 -33.64 -23.45 16.94
CA GLU A 237 -33.08 -22.80 18.12
C GLU A 237 -31.55 -22.78 18.13
N THR A 238 -30.93 -23.70 17.40
CA THR A 238 -29.48 -23.84 17.36
C THR A 238 -29.08 -24.30 15.97
N PRO A 239 -27.88 -23.97 15.50
CA PRO A 239 -27.48 -24.36 14.14
C PRO A 239 -27.39 -25.87 13.99
N LYS A 240 -27.26 -26.31 12.75
CA LYS A 240 -27.23 -27.74 12.44
C LYS A 240 -25.94 -28.24 11.82
N THR A 241 -25.10 -27.36 11.25
CA THR A 241 -23.88 -27.83 10.61
C THR A 241 -22.93 -28.41 11.65
N ALA A 242 -22.44 -29.61 11.38
CA ALA A 242 -21.44 -30.24 12.24
C ALA A 242 -20.19 -29.38 12.31
N GLY A 243 -19.74 -29.11 13.55
CA GLY A 243 -18.46 -28.44 13.73
C GLY A 243 -18.46 -26.96 13.51
N LEU A 244 -19.62 -26.31 13.54
CA LEU A 244 -19.68 -24.86 13.44
C LEU A 244 -19.21 -24.25 14.76
N ARG A 245 -18.30 -23.29 14.67
CA ARG A 245 -17.76 -22.62 15.85
C ARG A 245 -17.25 -21.25 15.42
N PRO A 246 -17.09 -20.32 16.35
CA PRO A 246 -16.55 -19.01 15.99
C PRO A 246 -15.13 -19.11 15.46
N MET A 247 -14.80 -18.20 14.53
CA MET A 247 -13.44 -18.13 14.01
C MET A 247 -12.48 -17.73 15.12
N GLU A 248 -11.29 -18.34 15.10
CA GLU A 248 -10.24 -18.06 16.06
C GLU A 248 -8.98 -17.63 15.32
N THR A 249 -7.97 -17.21 16.09
CA THR A 249 -6.72 -16.73 15.51
C THR A 249 -6.08 -17.78 14.62
N LYS A 250 -6.14 -19.06 15.03
CA LYS A 250 -5.54 -20.14 14.26
C LYS A 250 -6.24 -20.37 12.93
N ASP A 251 -7.44 -19.84 12.74
CA ASP A 251 -8.19 -20.00 11.49
C ASP A 251 -7.89 -18.91 10.47
N ILE A 252 -7.16 -17.86 10.85
CA ILE A 252 -6.84 -16.78 9.92
C ILE A 252 -6.22 -17.30 8.62
N PRO A 253 -5.20 -18.18 8.65
CA PRO A 253 -4.67 -18.67 7.37
C PRO A 253 -5.68 -19.40 6.50
N VAL A 254 -6.39 -20.38 7.07
CA VAL A 254 -7.30 -21.15 6.22
C VAL A 254 -8.47 -20.32 5.74
N VAL A 255 -8.94 -19.37 6.56
CA VAL A 255 -10.00 -18.47 6.11
C VAL A 255 -9.53 -17.64 4.94
N HIS A 256 -8.29 -17.13 5.00
CA HIS A 256 -7.72 -16.45 3.85
C HIS A 256 -7.63 -17.37 2.64
N GLN A 257 -7.21 -18.62 2.85
CA GLN A 257 -7.10 -19.56 1.74
C GLN A 257 -8.46 -19.84 1.12
N LEU A 258 -9.47 -20.12 1.95
CA LEU A 258 -10.82 -20.38 1.46
C LEU A 258 -11.36 -19.18 0.70
N LEU A 259 -11.22 -17.99 1.27
CA LEU A 259 -11.77 -16.80 0.63
C LEU A 259 -11.07 -16.49 -0.68
N THR A 260 -9.74 -16.62 -0.71
CA THR A 260 -8.99 -16.31 -1.94
C THR A 260 -9.43 -17.20 -3.10
N ARG A 261 -9.49 -18.51 -2.87
CA ARG A 261 -9.89 -19.43 -3.93
C ARG A 261 -11.36 -19.24 -4.31
N TYR A 262 -12.21 -18.94 -3.34
CA TYR A 262 -13.64 -18.84 -3.62
C TYR A 262 -13.96 -17.63 -4.49
N LEU A 263 -13.25 -16.51 -4.27
CA LEU A 263 -13.58 -15.28 -4.98
C LEU A 263 -13.13 -15.28 -6.44
N LYS A 264 -12.35 -16.27 -6.86
CA LYS A 264 -11.84 -16.29 -8.23
C LYS A 264 -12.95 -16.44 -9.26
N GLN A 265 -14.10 -16.98 -8.88
CA GLN A 265 -15.17 -17.23 -9.85
C GLN A 265 -15.97 -15.99 -10.20
N PHE A 266 -15.82 -14.89 -9.46
CA PHE A 266 -16.53 -13.66 -9.75
C PHE A 266 -15.64 -12.71 -10.52
N HIS A 267 -16.23 -11.60 -10.97
CA HIS A 267 -15.56 -10.63 -11.83
C HIS A 267 -15.17 -9.34 -11.13
N LEU A 268 -15.78 -9.00 -10.00
CA LEU A 268 -15.41 -7.82 -9.21
C LEU A 268 -15.26 -8.26 -7.76
N THR A 269 -14.02 -8.38 -7.30
CA THR A 269 -13.73 -8.90 -5.97
C THR A 269 -12.57 -8.14 -5.35
N PRO A 270 -12.47 -8.13 -4.03
CA PRO A 270 -11.24 -7.66 -3.38
C PRO A 270 -10.20 -8.79 -3.30
N VAL A 271 -8.94 -8.37 -3.25
CA VAL A 271 -7.81 -9.27 -3.08
C VAL A 271 -7.21 -8.97 -1.72
N MET A 272 -7.50 -9.81 -0.73
CA MET A 272 -7.14 -9.56 0.65
C MET A 272 -5.84 -10.26 1.01
N SER A 273 -4.93 -9.53 1.65
CA SER A 273 -3.80 -10.16 2.31
C SER A 273 -4.28 -10.95 3.51
N GLN A 274 -3.38 -11.74 4.09
CA GLN A 274 -3.75 -12.45 5.31
C GLN A 274 -3.98 -11.49 6.46
N GLU A 275 -3.23 -10.38 6.51
CA GLU A 275 -3.47 -9.36 7.53
C GLU A 275 -4.82 -8.68 7.31
N GLU A 276 -5.24 -8.52 6.05
CA GLU A 276 -6.55 -7.93 5.80
C GLU A 276 -7.66 -8.91 6.18
N VAL A 277 -7.49 -10.20 5.87
CA VAL A 277 -8.46 -11.19 6.29
C VAL A 277 -8.63 -11.14 7.80
N GLU A 278 -7.53 -11.08 8.54
CA GLU A 278 -7.62 -10.96 10.00
C GLU A 278 -8.44 -9.75 10.41
N HIS A 279 -8.17 -8.59 9.80
CA HIS A 279 -8.89 -7.37 10.18
C HIS A 279 -10.38 -7.49 9.85
N TRP A 280 -10.71 -8.00 8.67
CA TRP A 280 -12.09 -7.95 8.22
C TRP A 280 -12.95 -9.09 8.78
N PHE A 281 -12.34 -10.18 9.22
CA PHE A 281 -13.11 -11.34 9.63
C PHE A 281 -12.96 -11.77 11.08
N TYR A 282 -11.86 -11.43 11.75
CA TYR A 282 -11.68 -11.86 13.13
C TYR A 282 -12.79 -11.25 13.99
N PRO A 283 -13.52 -12.07 14.75
CA PRO A 283 -14.75 -11.56 15.40
C PRO A 283 -14.47 -10.44 16.39
N GLN A 284 -15.24 -9.37 16.25
CA GLN A 284 -15.37 -8.33 17.26
C GLN A 284 -16.84 -8.21 17.58
N GLU A 285 -17.20 -8.33 18.86
CA GLU A 285 -18.60 -8.31 19.26
C GLU A 285 -19.26 -6.99 18.84
N ASN A 286 -20.49 -7.10 18.35
CA ASN A 286 -21.30 -5.99 17.85
C ASN A 286 -20.67 -5.29 16.65
N ILE A 287 -19.73 -5.95 15.98
CA ILE A 287 -19.11 -5.39 14.79
C ILE A 287 -19.13 -6.42 13.66
N ILE A 288 -18.44 -7.54 13.85
CA ILE A 288 -18.27 -8.55 12.82
C ILE A 288 -18.26 -9.92 13.49
N ASP A 289 -19.07 -10.85 12.97
CA ASP A 289 -19.08 -12.23 13.43
C ASP A 289 -18.66 -13.14 12.28
N THR A 290 -17.75 -14.06 12.57
CA THR A 290 -17.32 -15.07 11.61
C THR A 290 -17.35 -16.44 12.29
N PHE A 291 -18.02 -17.39 11.64
CA PHE A 291 -18.09 -18.78 12.10
C PHE A 291 -17.52 -19.68 11.02
N VAL A 292 -16.60 -20.55 11.40
CA VAL A 292 -15.99 -21.52 10.49
C VAL A 292 -16.59 -22.90 10.75
N VAL A 293 -16.52 -23.75 9.75
CA VAL A 293 -16.92 -25.16 9.86
C VAL A 293 -15.65 -25.99 9.94
N GLU A 294 -15.41 -26.62 11.10
CA GLU A 294 -14.31 -27.55 11.28
C GLU A 294 -14.87 -28.96 11.32
N ASN A 295 -14.40 -29.81 10.40
CA ASN A 295 -15.00 -31.13 10.21
C ASN A 295 -14.35 -32.15 11.14
N ALA A 296 -14.67 -33.43 10.93
CA ALA A 296 -14.20 -34.53 11.75
C ALA A 296 -12.69 -34.76 11.67
N ASN A 297 -12.03 -34.21 10.66
CA ASN A 297 -10.57 -34.32 10.52
C ASN A 297 -9.84 -33.13 11.11
N GLY A 298 -10.57 -32.13 11.60
CA GLY A 298 -9.96 -30.93 12.13
C GLY A 298 -9.65 -29.84 11.13
N GLU A 299 -10.09 -29.99 9.88
N GLU A 299 -10.13 -29.98 9.90
CA GLU A 299 -9.81 -29.00 8.85
CA GLU A 299 -9.84 -29.03 8.84
C GLU A 299 -11.03 -28.10 8.65
C GLU A 299 -11.04 -28.12 8.59
N VAL A 300 -10.77 -26.84 8.36
CA VAL A 300 -11.81 -25.85 8.16
C VAL A 300 -12.21 -25.86 6.68
N THR A 301 -13.49 -26.12 6.42
CA THR A 301 -13.96 -26.30 5.05
C THR A 301 -14.90 -25.20 4.57
N ASP A 302 -15.51 -24.45 5.47
CA ASP A 302 -16.47 -23.41 5.12
C ASP A 302 -16.41 -22.31 6.17
N PHE A 303 -16.99 -21.16 5.84
CA PHE A 303 -17.24 -20.15 6.87
C PHE A 303 -18.35 -19.22 6.42
N LEU A 304 -19.01 -18.61 7.40
CA LEU A 304 -20.03 -17.62 7.19
C LEU A 304 -19.66 -16.39 8.00
N SER A 305 -20.11 -15.21 7.54
CA SER A 305 -19.82 -14.00 8.28
C SER A 305 -20.86 -12.95 7.98
N PHE A 306 -21.10 -12.08 8.97
CA PHE A 306 -22.03 -10.98 8.84
C PHE A 306 -21.63 -9.89 9.83
N TYR A 307 -21.85 -8.63 9.46
CA TYR A 307 -21.49 -7.54 10.34
C TYR A 307 -22.72 -6.87 10.92
N THR A 308 -22.50 -6.12 12.00
CA THR A 308 -23.57 -5.50 12.77
C THR A 308 -23.71 -4.04 12.36
N LEU A 309 -24.93 -3.64 12.00
CA LEU A 309 -25.21 -2.26 11.61
C LEU A 309 -26.62 -1.90 12.04
N PRO A 310 -26.78 -1.34 13.23
CA PRO A 310 -28.12 -0.97 13.70
C PRO A 310 -28.56 0.37 13.09
N SER A 311 -29.87 0.57 13.11
CA SER A 311 -30.49 1.80 12.63
C SER A 311 -31.29 2.42 13.75
N THR A 312 -31.13 3.74 13.93
CA THR A 312 -31.96 4.47 14.87
C THR A 312 -33.38 4.56 14.34
N ILE A 313 -34.35 4.34 15.22
CA ILE A 313 -35.77 4.45 14.88
C ILE A 313 -36.22 5.85 15.29
N MET A 314 -36.67 6.64 14.31
CA MET A 314 -36.82 8.08 14.52
C MET A 314 -37.94 8.40 15.51
N ASN A 315 -39.14 7.83 15.31
CA ASN A 315 -40.26 8.19 16.17
C ASN A 315 -41.16 6.96 16.34
N HIS A 316 -40.82 6.13 17.32
CA HIS A 316 -41.64 5.00 17.73
C HIS A 316 -41.62 4.98 19.26
N PRO A 317 -42.78 4.77 19.90
CA PRO A 317 -42.84 4.94 21.36
C PRO A 317 -42.08 3.88 22.13
N THR A 318 -42.02 2.64 21.65
CA THR A 318 -41.44 1.55 22.42
C THR A 318 -40.12 1.02 21.88
N HIS A 319 -39.81 1.25 20.61
CA HIS A 319 -38.60 0.73 19.99
C HIS A 319 -37.68 1.87 19.57
N LYS A 320 -36.41 1.76 19.92
CA LYS A 320 -35.43 2.80 19.62
C LYS A 320 -34.38 2.39 18.60
N SER A 321 -34.08 1.10 18.46
CA SER A 321 -33.00 0.66 17.58
C SER A 321 -33.42 -0.57 16.80
N LEU A 322 -33.17 -0.54 15.50
CA LEU A 322 -33.36 -1.68 14.62
C LEU A 322 -32.01 -2.37 14.43
N LYS A 323 -31.85 -3.56 15.02
CA LYS A 323 -30.58 -4.28 14.95
C LYS A 323 -30.57 -5.13 13.69
N ALA A 324 -29.70 -4.80 12.75
CA ALA A 324 -29.61 -5.49 11.47
C ALA A 324 -28.24 -6.15 11.33
N ALA A 325 -28.24 -7.36 10.81
CA ALA A 325 -27.02 -8.06 10.41
C ALA A 325 -26.94 -8.04 8.89
N TYR A 326 -25.75 -7.74 8.36
CA TYR A 326 -25.53 -7.70 6.93
C TYR A 326 -24.62 -8.86 6.54
N SER A 327 -25.09 -9.68 5.62
CA SER A 327 -24.26 -10.75 5.07
C SER A 327 -22.97 -10.14 4.52
N PHE A 328 -21.85 -10.80 4.83
CA PHE A 328 -20.55 -10.28 4.46
C PHE A 328 -19.99 -11.23 3.43
N TYR A 329 -19.14 -12.18 3.79
CA TYR A 329 -18.68 -13.21 2.85
C TYR A 329 -19.01 -14.58 3.40
N ASN A 330 -19.47 -15.46 2.52
CA ASN A 330 -19.86 -16.82 2.91
C ASN A 330 -19.23 -17.78 1.92
N VAL A 331 -18.25 -18.55 2.38
CA VAL A 331 -17.50 -19.46 1.52
C VAL A 331 -17.89 -20.88 1.87
N HIS A 332 -18.22 -21.67 0.85
CA HIS A 332 -18.59 -23.06 1.04
C HIS A 332 -17.74 -23.94 0.14
N THR A 333 -17.20 -25.02 0.71
CA THR A 333 -16.58 -26.07 -0.07
C THR A 333 -17.10 -27.46 0.27
N GLN A 334 -17.71 -27.66 1.44
CA GLN A 334 -18.16 -28.98 1.85
C GLN A 334 -19.58 -28.90 2.43
N THR A 335 -19.89 -27.78 3.06
CA THR A 335 -21.25 -27.55 3.54
C THR A 335 -22.06 -26.84 2.46
N PRO A 336 -23.25 -27.34 2.13
CA PRO A 336 -24.09 -26.64 1.16
C PRO A 336 -24.37 -25.21 1.62
N LEU A 337 -24.29 -24.27 0.68
CA LEU A 337 -24.48 -22.86 1.00
C LEU A 337 -25.84 -22.62 1.64
N LEU A 338 -26.85 -23.38 1.23
CA LEU A 338 -28.17 -23.26 1.84
C LEU A 338 -28.13 -23.60 3.32
N ASP A 339 -27.41 -24.66 3.69
CA ASP A 339 -27.25 -25.00 5.11
C ASP A 339 -26.45 -23.94 5.84
N LEU A 340 -25.41 -23.40 5.19
CA LEU A 340 -24.56 -22.40 5.81
C LEU A 340 -25.34 -21.13 6.12
N MET A 341 -26.15 -20.66 5.14
CA MET A 341 -26.92 -19.46 5.36
C MET A 341 -28.10 -19.69 6.29
N SER A 342 -28.63 -20.92 6.33
CA SER A 342 -29.65 -21.22 7.32
C SER A 342 -29.07 -21.10 8.74
N ASP A 343 -27.84 -21.60 8.94
CA ASP A 343 -27.17 -21.44 10.23
C ASP A 343 -26.85 -19.99 10.53
N ALA A 344 -26.53 -19.20 9.51
CA ALA A 344 -26.29 -17.77 9.72
C ALA A 344 -27.54 -17.10 10.28
N LEU A 345 -28.70 -17.40 9.71
CA LEU A 345 -29.94 -16.82 10.22
C LEU A 345 -30.17 -17.21 11.67
N VAL A 346 -29.93 -18.47 12.01
CA VAL A 346 -30.12 -18.94 13.38
C VAL A 346 -29.14 -18.24 14.31
N LEU A 347 -27.88 -18.11 13.90
CA LEU A 347 -26.87 -17.46 14.74
C LEU A 347 -27.20 -15.99 14.96
N ALA A 348 -27.66 -15.30 13.92
CA ALA A 348 -28.07 -13.91 14.09
C ALA A 348 -29.30 -13.79 14.97
N LYS A 349 -30.26 -14.72 14.82
CA LYS A 349 -31.43 -14.73 15.69
C LYS A 349 -31.02 -14.89 17.15
N MET A 350 -30.13 -15.85 17.42
CA MET A 350 -29.63 -16.06 18.78
C MET A 350 -28.93 -14.83 19.34
N LYS A 351 -28.28 -14.05 18.47
CA LYS A 351 -27.56 -12.87 18.90
C LYS A 351 -28.44 -11.64 19.05
N GLY A 352 -29.74 -11.77 18.81
CA GLY A 352 -30.66 -10.67 19.03
C GLY A 352 -30.91 -9.75 17.86
N PHE A 353 -30.48 -10.13 16.66
CA PHE A 353 -30.73 -9.29 15.49
C PHE A 353 -32.21 -9.34 15.09
N ASP A 354 -32.70 -8.21 14.56
CA ASP A 354 -34.09 -8.13 14.14
C ASP A 354 -34.30 -8.56 12.69
N VAL A 355 -33.32 -8.32 11.83
CA VAL A 355 -33.44 -8.64 10.41
C VAL A 355 -32.04 -9.04 9.92
N PHE A 356 -32.01 -9.87 8.89
CA PHE A 356 -30.78 -10.31 8.25
C PHE A 356 -30.83 -9.82 6.81
N ASN A 357 -29.95 -8.88 6.47
CA ASN A 357 -29.93 -8.30 5.14
C ASN A 357 -28.86 -8.97 4.29
N ALA A 358 -29.17 -9.15 3.01
CA ALA A 358 -28.19 -9.65 2.05
C ALA A 358 -28.53 -9.09 0.68
N LEU A 359 -27.51 -8.99 -0.17
CA LEU A 359 -27.71 -8.60 -1.56
C LEU A 359 -27.85 -9.85 -2.43
N ASP A 360 -28.28 -9.65 -3.68
CA ASP A 360 -28.40 -10.73 -4.63
C ASP A 360 -27.12 -11.00 -5.39
N LEU A 361 -25.97 -10.62 -4.83
CA LEU A 361 -24.70 -10.82 -5.51
C LEU A 361 -24.13 -12.20 -5.18
N MET A 362 -22.98 -12.51 -5.80
CA MET A 362 -22.30 -13.81 -5.67
C MET A 362 -23.32 -14.91 -5.96
N GLU A 363 -23.44 -15.93 -5.10
CA GLU A 363 -24.41 -16.99 -5.29
C GLU A 363 -25.64 -16.81 -4.41
N ASN A 364 -25.91 -15.59 -3.93
CA ASN A 364 -26.97 -15.42 -2.94
C ASN A 364 -28.34 -15.74 -3.53
N LYS A 365 -28.51 -15.56 -4.85
CA LYS A 365 -29.79 -15.90 -5.47
C LYS A 365 -30.16 -17.36 -5.27
N THR A 366 -29.18 -18.23 -5.10
CA THR A 366 -29.47 -19.65 -4.93
C THR A 366 -30.21 -19.94 -3.63
N PHE A 367 -30.13 -19.06 -2.63
CA PHE A 367 -30.76 -19.33 -1.34
C PHE A 367 -31.74 -18.27 -0.87
N LEU A 368 -31.77 -17.10 -1.51
CA LEU A 368 -32.54 -15.97 -0.97
C LEU A 368 -34.02 -16.35 -0.86
N GLU A 369 -34.64 -16.80 -1.95
CA GLU A 369 -36.05 -17.14 -1.89
C GLU A 369 -36.29 -18.36 -1.00
N LYS A 370 -35.41 -19.36 -1.07
CA LYS A 370 -35.62 -20.59 -0.31
C LYS A 370 -35.55 -20.36 1.19
N LEU A 371 -34.75 -19.39 1.65
CA LEU A 371 -34.64 -19.09 3.07
C LEU A 371 -35.58 -17.98 3.50
N LYS A 372 -36.61 -17.70 2.70
CA LYS A 372 -37.70 -16.79 3.06
C LYS A 372 -37.23 -15.34 3.14
N PHE A 373 -36.17 -14.98 2.42
CA PHE A 373 -35.89 -13.57 2.20
C PHE A 373 -36.98 -12.96 1.33
N GLY A 374 -37.27 -11.70 1.59
CA GLY A 374 -38.17 -10.92 0.74
C GLY A 374 -37.41 -9.80 0.06
N ILE A 375 -37.73 -9.57 -1.22
CA ILE A 375 -37.03 -8.54 -1.98
C ILE A 375 -37.25 -7.18 -1.33
N GLY A 376 -36.19 -6.35 -1.34
CA GLY A 376 -36.29 -5.01 -0.80
C GLY A 376 -36.57 -3.98 -1.89
N ASP A 377 -36.81 -2.76 -1.46
CA ASP A 377 -37.05 -1.66 -2.39
C ASP A 377 -35.80 -0.85 -2.70
N GLY A 378 -34.66 -1.25 -2.18
CA GLY A 378 -33.41 -0.51 -2.36
C GLY A 378 -32.39 -1.32 -3.12
N ASN A 379 -31.67 -0.66 -4.01
CA ASN A 379 -30.58 -1.27 -4.75
C ASN A 379 -29.24 -0.76 -4.21
N LEU A 380 -28.19 -1.52 -4.48
CA LEU A 380 -26.82 -1.06 -4.24
C LEU A 380 -26.13 -1.03 -5.59
N GLN A 381 -25.76 0.17 -6.04
CA GLN A 381 -25.09 0.34 -7.32
C GLN A 381 -23.58 0.29 -7.10
N TYR A 382 -22.88 -0.47 -7.93
CA TYR A 382 -21.43 -0.58 -7.86
C TYR A 382 -20.78 0.25 -8.95
N TYR A 383 -19.68 0.92 -8.61
CA TYR A 383 -19.03 1.84 -9.53
C TYR A 383 -17.52 1.67 -9.48
N LEU A 384 -16.89 1.98 -10.61
CA LEU A 384 -15.44 2.16 -10.68
C LEU A 384 -15.15 3.58 -11.14
N TYR A 385 -14.15 4.20 -10.52
CA TYR A 385 -13.67 5.51 -10.95
C TYR A 385 -12.45 5.33 -11.83
N ASN A 386 -12.49 5.94 -13.02
CA ASN A 386 -11.37 5.93 -13.97
C ASN A 386 -11.02 4.52 -14.44
N TRP A 387 -12.04 3.65 -14.56
CA TRP A 387 -11.85 2.33 -15.15
C TRP A 387 -13.07 2.01 -15.99
N LYS A 388 -12.85 1.79 -17.29
CA LYS A 388 -13.91 1.48 -18.23
C LYS A 388 -13.92 -0.02 -18.49
N CYS A 389 -15.05 -0.66 -18.23
CA CYS A 389 -15.17 -2.11 -18.41
C CYS A 389 -16.64 -2.44 -18.59
N PRO A 390 -16.95 -3.58 -19.22
CA PRO A 390 -18.36 -3.94 -19.41
C PRO A 390 -19.07 -4.13 -18.07
N SER A 391 -20.37 -3.85 -18.06
CA SER A 391 -21.17 -4.10 -16.88
C SER A 391 -21.29 -5.61 -16.65
N MET A 392 -21.75 -5.98 -15.46
CA MET A 392 -21.88 -7.38 -15.09
C MET A 392 -23.18 -7.59 -14.31
N GLY A 393 -23.67 -8.81 -14.35
CA GLY A 393 -24.80 -9.17 -13.51
C GLY A 393 -24.41 -9.28 -12.05
N ALA A 394 -25.43 -9.22 -11.19
CA ALA A 394 -25.22 -9.25 -9.75
C ALA A 394 -24.45 -10.49 -9.32
N GLU A 395 -24.69 -11.62 -9.96
CA GLU A 395 -24.05 -12.88 -9.56
C GLU A 395 -22.55 -12.90 -9.84
N LYS A 396 -22.03 -11.92 -10.58
CA LYS A 396 -20.60 -11.79 -10.81
C LYS A 396 -19.96 -10.74 -9.92
N VAL A 397 -20.74 -10.04 -9.11
CA VAL A 397 -20.22 -9.04 -8.18
C VAL A 397 -19.85 -9.75 -6.88
N GLY A 398 -18.61 -9.58 -6.45
CA GLY A 398 -18.14 -10.22 -5.24
C GLY A 398 -17.50 -9.24 -4.29
N LEU A 399 -17.99 -8.02 -4.31
CA LEU A 399 -17.44 -6.92 -3.51
C LEU A 399 -18.54 -6.28 -2.66
N PRO B 11 32.15 -17.79 -1.26
CA PRO B 11 32.42 -16.35 -1.14
C PRO B 11 31.67 -15.53 -2.19
N ALA B 12 32.17 -15.59 -3.42
CA ALA B 12 31.46 -15.23 -4.64
C ALA B 12 31.38 -13.74 -4.92
N LYS B 13 32.46 -13.18 -5.48
CA LYS B 13 32.46 -11.82 -6.03
C LYS B 13 32.32 -11.79 -7.54
N THR B 14 32.48 -12.93 -8.21
CA THR B 14 32.44 -13.02 -9.66
C THR B 14 31.53 -14.17 -10.09
N MET B 15 31.06 -14.10 -11.34
CA MET B 15 30.18 -15.13 -11.86
C MET B 15 30.90 -16.47 -12.02
N GLU B 16 32.18 -16.42 -12.39
CA GLU B 16 32.94 -17.65 -12.58
C GLU B 16 33.11 -18.41 -11.28
N GLU B 17 33.44 -17.70 -10.19
CA GLU B 17 33.52 -18.36 -8.89
C GLU B 17 32.15 -18.83 -8.43
N ALA B 18 31.12 -18.02 -8.64
CA ALA B 18 29.78 -18.37 -8.16
C ALA B 18 29.26 -19.62 -8.85
N SER B 19 29.56 -19.78 -10.15
CA SER B 19 29.09 -20.95 -10.88
C SER B 19 29.85 -22.22 -10.52
N LYS B 20 30.90 -22.12 -9.70
CA LYS B 20 31.59 -23.28 -9.14
C LYS B 20 31.13 -23.57 -7.72
N ARG B 21 30.06 -22.93 -7.28
CA ARG B 21 29.67 -22.88 -5.87
C ARG B 21 28.33 -23.56 -5.66
N SER B 22 28.06 -23.93 -4.42
CA SER B 22 26.80 -24.51 -4.01
C SER B 22 26.08 -23.55 -3.06
N TYR B 23 24.76 -23.50 -3.15
CA TYR B 23 23.94 -22.55 -2.40
C TYR B 23 22.95 -23.31 -1.53
N GLN B 24 23.40 -23.70 -0.34
CA GLN B 24 22.57 -24.48 0.57
C GLN B 24 21.25 -23.78 0.88
N PHE B 25 21.27 -22.45 0.97
CA PHE B 25 20.06 -21.69 1.25
C PHE B 25 19.33 -21.24 -0.01
N TRP B 26 20.04 -20.55 -0.91
CA TRP B 26 19.37 -19.94 -2.06
C TRP B 26 18.87 -20.98 -3.07
N ASP B 27 19.38 -22.22 -3.04
CA ASP B 27 18.78 -23.26 -3.87
C ASP B 27 17.40 -23.65 -3.41
N THR B 28 17.02 -23.32 -2.16
CA THR B 28 15.67 -23.57 -1.68
C THR B 28 14.72 -22.42 -1.99
N GLN B 29 15.23 -21.25 -2.40
CA GLN B 29 14.42 -20.07 -2.62
C GLN B 29 13.92 -19.99 -4.05
N PRO B 30 12.72 -19.26 -4.30
CA PRO B 30 12.17 -19.09 -5.66
C PRO B 30 12.94 -18.07 -6.47
N VAL B 31 14.16 -18.43 -6.86
CA VAL B 31 15.00 -17.60 -7.72
C VAL B 31 15.59 -18.50 -8.80
N PRO B 32 15.93 -17.98 -9.97
CA PRO B 32 16.53 -18.84 -11.01
C PRO B 32 17.91 -19.30 -10.60
N LYS B 33 18.31 -20.45 -11.13
CA LYS B 33 19.67 -20.92 -10.89
C LYS B 33 20.68 -20.11 -11.68
N LEU B 34 21.87 -19.98 -11.13
CA LEU B 34 22.97 -19.40 -11.90
C LEU B 34 23.27 -20.27 -13.11
N GLY B 35 23.44 -19.62 -14.26
CA GLY B 35 23.62 -20.33 -15.51
C GLY B 35 22.33 -20.68 -16.22
N GLU B 36 21.18 -20.52 -15.57
CA GLU B 36 19.90 -20.74 -16.22
C GLU B 36 19.60 -19.59 -17.17
N VAL B 37 19.42 -19.91 -18.45
CA VAL B 37 18.98 -18.92 -19.42
C VAL B 37 17.47 -18.76 -19.29
N VAL B 38 17.01 -17.53 -19.19
CA VAL B 38 15.61 -17.22 -18.92
C VAL B 38 15.04 -16.44 -20.09
N ASN B 39 13.96 -16.95 -20.67
CA ASN B 39 13.21 -16.24 -21.69
C ASN B 39 11.77 -15.96 -21.29
N THR B 40 11.36 -16.32 -20.08
CA THR B 40 10.02 -16.08 -19.60
C THR B 40 9.98 -14.87 -18.67
N HIS B 41 8.76 -14.47 -18.30
CA HIS B 41 8.53 -13.34 -17.38
C HIS B 41 7.41 -13.73 -16.43
N GLY B 42 7.74 -13.93 -15.15
CA GLY B 42 6.72 -14.21 -14.16
C GLY B 42 7.22 -14.82 -12.87
N PRO B 43 6.31 -15.01 -11.91
CA PRO B 43 6.70 -15.57 -10.63
C PRO B 43 7.22 -16.98 -10.77
N VAL B 44 8.08 -17.37 -9.84
CA VAL B 44 8.63 -18.73 -9.86
C VAL B 44 7.65 -19.70 -9.20
N GLU B 45 7.02 -19.29 -8.12
CA GLU B 45 6.13 -20.16 -7.36
C GLU B 45 4.78 -19.49 -7.21
N PRO B 46 3.72 -20.27 -6.97
CA PRO B 46 2.42 -19.66 -6.69
C PRO B 46 2.44 -18.92 -5.37
N ASP B 47 1.60 -17.88 -5.30
CA ASP B 47 1.43 -17.14 -4.06
C ASP B 47 0.97 -18.06 -2.94
N LYS B 48 1.61 -17.95 -1.78
CA LYS B 48 1.15 -18.66 -0.59
C LYS B 48 -0.20 -18.06 -0.19
N ASP B 49 -1.27 -18.84 -0.28
CA ASP B 49 -2.57 -18.34 0.12
C ASP B 49 -2.92 -18.66 1.55
N ASN B 50 -1.99 -19.24 2.29
CA ASN B 50 -2.00 -19.02 3.73
C ASN B 50 -0.58 -19.13 4.23
N ILE B 51 -0.27 -18.29 5.22
CA ILE B 51 1.09 -17.94 5.58
C ILE B 51 1.34 -18.35 7.02
N ARG B 52 2.50 -18.93 7.25
CA ARG B 52 2.98 -19.33 8.56
C ARG B 52 2.78 -18.19 9.57
N GLN B 53 2.00 -18.45 10.61
CA GLN B 53 1.71 -17.42 11.60
C GLN B 53 2.79 -17.27 12.65
N GLU B 54 3.62 -18.28 12.83
CA GLU B 54 4.63 -18.26 13.88
C GLU B 54 5.95 -17.77 13.32
N PRO B 55 6.60 -16.80 13.97
CA PRO B 55 7.95 -16.42 13.56
C PRO B 55 8.89 -17.62 13.57
N TYR B 56 9.82 -17.62 12.63
CA TYR B 56 10.84 -18.66 12.60
C TYR B 56 11.67 -18.61 13.88
N THR B 57 12.07 -19.79 14.35
CA THR B 57 12.79 -19.89 15.61
C THR B 57 14.24 -19.45 15.43
N LEU B 58 14.72 -18.59 16.33
CA LEU B 58 16.12 -18.19 16.40
C LEU B 58 16.92 -19.18 17.24
N PRO B 59 18.24 -19.16 17.12
CA PRO B 59 19.06 -19.96 18.04
C PRO B 59 18.82 -19.57 19.48
N GLN B 60 19.06 -20.52 20.38
CA GLN B 60 18.82 -20.31 21.81
C GLN B 60 19.55 -19.07 22.32
N GLY B 61 18.84 -18.23 23.06
CA GLY B 61 19.41 -17.01 23.59
C GLY B 61 19.21 -15.77 22.76
N PHE B 62 18.43 -15.84 21.68
CA PHE B 62 18.16 -14.69 20.84
C PHE B 62 16.65 -14.60 20.59
N THR B 63 16.16 -13.35 20.47
CA THR B 63 14.72 -13.13 20.34
C THR B 63 14.47 -12.02 19.33
N TRP B 64 13.32 -12.11 18.66
CA TRP B 64 12.90 -11.08 17.72
C TRP B 64 12.47 -9.82 18.47
N ASP B 65 12.66 -8.67 17.83
CA ASP B 65 12.20 -7.40 18.38
C ASP B 65 12.09 -6.40 17.24
N ALA B 66 10.86 -5.98 16.93
CA ALA B 66 10.66 -4.92 15.95
C ALA B 66 11.19 -3.61 16.51
N LEU B 67 12.01 -2.92 15.73
CA LEU B 67 12.68 -1.71 16.18
C LEU B 67 11.84 -0.49 15.82
N ASP B 68 11.31 0.18 16.85
CA ASP B 68 10.61 1.45 16.67
C ASP B 68 11.68 2.52 16.49
N LEU B 69 11.91 2.90 15.23
CA LEU B 69 12.92 3.91 14.91
C LEU B 69 12.49 5.31 15.32
N GLY B 70 11.23 5.49 15.73
CA GLY B 70 10.81 6.76 16.28
C GLY B 70 11.31 7.00 17.69
N ASP B 71 11.72 5.95 18.39
CA ASP B 71 12.39 6.07 19.68
C ASP B 71 13.87 6.28 19.42
N ARG B 72 14.40 7.39 19.96
CA ARG B 72 15.77 7.79 19.62
C ARG B 72 16.79 6.76 20.07
N GLY B 73 16.60 6.16 21.25
CA GLY B 73 17.57 5.21 21.76
C GLY B 73 17.64 3.93 20.94
N VAL B 74 16.48 3.46 20.47
CA VAL B 74 16.48 2.29 19.58
C VAL B 74 17.12 2.64 18.25
N LEU B 75 16.80 3.83 17.71
CA LEU B 75 17.44 4.28 16.47
C LEU B 75 18.96 4.31 16.63
N LYS B 76 19.44 4.77 17.79
CA LYS B 76 20.88 4.78 18.03
C LYS B 76 21.42 3.37 18.13
N GLU B 77 20.65 2.44 18.69
CA GLU B 77 21.08 1.05 18.75
C GLU B 77 21.27 0.47 17.35
N LEU B 78 20.34 0.78 16.44
CA LEU B 78 20.51 0.34 15.06
C LEU B 78 21.71 1.01 14.41
N TYR B 79 21.89 2.32 14.68
CA TYR B 79 23.07 3.02 14.17
C TYR B 79 24.35 2.31 14.59
N THR B 80 24.48 2.03 15.88
CA THR B 80 25.68 1.38 16.39
C THR B 80 25.89 0.00 15.76
N LEU B 81 24.82 -0.79 15.68
CA LEU B 81 24.92 -2.12 15.08
C LEU B 81 25.47 -2.05 13.66
N LEU B 82 24.91 -1.16 12.84
CA LEU B 82 25.40 -1.03 11.47
C LEU B 82 26.77 -0.35 11.44
N ASN B 83 26.99 0.65 12.29
CA ASN B 83 28.28 1.34 12.29
C ASN B 83 29.43 0.39 12.60
N GLU B 84 29.17 -0.64 13.40
CA GLU B 84 30.19 -1.57 13.85
C GLU B 84 30.16 -2.91 13.11
N ASN B 85 29.10 -3.21 12.36
CA ASN B 85 28.99 -4.53 11.74
C ASN B 85 28.48 -4.55 10.31
N TYR B 86 28.18 -3.40 9.71
CA TYR B 86 27.63 -3.42 8.36
C TYR B 86 28.74 -3.54 7.31
N VAL B 87 28.46 -3.09 6.09
CA VAL B 87 29.28 -3.45 4.93
C VAL B 87 30.67 -2.86 5.05
N GLU B 88 31.69 -3.70 4.85
CA GLU B 88 33.08 -3.30 4.77
C GLU B 88 33.66 -3.72 3.42
N ASP B 89 34.88 -3.28 3.16
CA ASP B 89 35.62 -3.77 2.00
C ASP B 89 36.32 -5.07 2.38
N ASP B 90 37.18 -5.58 1.49
CA ASP B 90 37.84 -6.85 1.76
C ASP B 90 38.95 -6.72 2.79
N ASP B 91 39.74 -5.66 2.74
CA ASP B 91 40.90 -5.52 3.62
C ASP B 91 40.54 -4.94 4.99
N ASN B 92 39.25 -4.73 5.27
CA ASN B 92 38.78 -4.19 6.54
C ASN B 92 39.41 -2.83 6.83
N MET B 93 39.34 -1.93 5.84
CA MET B 93 39.82 -0.57 5.97
C MET B 93 38.70 0.45 6.11
N PHE B 94 37.56 0.19 5.51
CA PHE B 94 36.44 1.12 5.54
C PHE B 94 35.15 0.36 5.82
N ARG B 95 34.21 1.04 6.47
CA ARG B 95 32.90 0.47 6.76
C ARG B 95 31.87 1.58 6.69
N PHE B 96 30.70 1.27 6.10
CA PHE B 96 29.66 2.28 5.93
C PHE B 96 29.24 2.85 7.27
N ASP B 97 29.08 4.18 7.31
CA ASP B 97 28.65 4.86 8.51
C ASP B 97 27.34 5.60 8.27
N TYR B 98 26.28 4.84 7.97
CA TYR B 98 24.95 5.43 7.85
C TYR B 98 24.59 6.17 9.13
N SER B 99 24.13 7.42 8.98
CA SER B 99 23.76 8.21 10.14
C SER B 99 22.34 7.86 10.57
N PRO B 100 22.00 8.13 11.85
CA PRO B 100 20.62 7.86 12.30
C PRO B 100 19.57 8.56 11.45
N GLU B 101 19.83 9.81 11.06
CA GLU B 101 18.87 10.56 10.26
C GLU B 101 18.77 10.00 8.84
N PHE B 102 19.88 9.47 8.31
CA PHE B 102 19.81 8.75 7.04
C PHE B 102 18.94 7.49 7.19
N LEU B 103 19.12 6.76 8.29
CA LEU B 103 18.38 5.51 8.46
C LEU B 103 16.87 5.77 8.52
N LEU B 104 16.45 6.81 9.23
CA LEU B 104 15.04 7.21 9.21
C LEU B 104 14.57 7.52 7.79
N TRP B 105 15.44 8.12 6.97
CA TRP B 105 15.08 8.44 5.60
C TRP B 105 14.92 7.17 4.77
N ALA B 106 15.87 6.24 4.87
CA ALA B 106 15.82 5.04 4.06
C ALA B 106 14.75 4.06 4.56
N LEU B 107 14.43 4.12 5.86
CA LEU B 107 13.62 3.08 6.49
C LEU B 107 12.21 3.52 6.83
N ARG B 108 11.88 4.80 6.75
CA ARG B 108 10.51 5.27 6.95
C ARG B 108 10.00 6.10 5.77
N PRO B 109 10.02 5.54 4.56
CA PRO B 109 9.35 6.21 3.45
C PRO B 109 7.84 5.98 3.55
N PRO B 110 7.04 6.57 2.66
CA PRO B 110 5.61 6.28 2.67
C PRO B 110 5.32 4.78 2.60
N GLY B 111 4.39 4.33 3.44
CA GLY B 111 4.03 2.93 3.52
C GLY B 111 4.90 2.08 4.40
N TRP B 112 5.90 2.66 5.08
CA TRP B 112 6.74 1.87 5.96
C TRP B 112 5.90 1.22 7.05
N LEU B 113 6.31 0.01 7.45
CA LEU B 113 5.60 -0.76 8.46
C LEU B 113 6.53 -1.12 9.61
N PRO B 114 6.07 -1.01 10.86
CA PRO B 114 6.97 -1.28 11.99
C PRO B 114 7.49 -2.72 12.03
N GLN B 115 6.65 -3.69 11.65
CA GLN B 115 7.09 -5.07 11.69
C GLN B 115 8.16 -5.39 10.66
N TRP B 116 8.34 -4.53 9.66
CA TRP B 116 9.37 -4.71 8.65
C TRP B 116 10.72 -4.13 9.07
N HIS B 117 10.81 -3.54 10.26
CA HIS B 117 12.11 -3.19 10.85
C HIS B 117 12.45 -4.32 11.84
N CYS B 118 13.00 -5.40 11.28
CA CYS B 118 13.10 -6.68 11.96
C CYS B 118 14.47 -6.81 12.63
N GLY B 119 14.49 -6.68 13.95
CA GLY B 119 15.74 -6.82 14.68
C GLY B 119 15.85 -8.10 15.47
N VAL B 120 17.07 -8.43 15.89
CA VAL B 120 17.35 -9.60 16.71
C VAL B 120 18.14 -9.15 17.93
N ARG B 121 17.70 -9.56 19.12
CA ARG B 121 18.35 -9.19 20.37
C ARG B 121 18.76 -10.43 21.15
N VAL B 122 19.87 -10.31 21.87
CA VAL B 122 20.26 -11.34 22.84
C VAL B 122 19.26 -11.30 23.99
N VAL B 123 18.82 -12.49 24.42
CA VAL B 123 17.75 -12.55 25.41
C VAL B 123 18.16 -11.89 26.72
N SER B 124 19.37 -12.18 27.19
CA SER B 124 19.78 -11.69 28.49
C SER B 124 20.06 -10.19 28.47
N SER B 125 21.07 -9.77 27.70
CA SER B 125 21.51 -8.38 27.74
C SER B 125 20.61 -7.44 26.96
N ARG B 126 19.76 -7.96 26.07
CA ARG B 126 18.96 -7.18 25.13
C ARG B 126 19.83 -6.46 24.10
N LYS B 127 21.06 -6.93 23.88
CA LYS B 127 21.94 -6.31 22.90
C LYS B 127 21.46 -6.62 21.48
N LEU B 128 21.41 -5.59 20.64
CA LEU B 128 21.02 -5.75 19.25
C LEU B 128 22.17 -6.38 18.46
N VAL B 129 21.92 -7.55 17.86
CA VAL B 129 22.96 -8.30 17.16
C VAL B 129 22.55 -8.69 15.75
N GLY B 130 21.39 -8.25 15.27
CA GLY B 130 20.96 -8.60 13.92
C GLY B 130 19.85 -7.68 13.47
N PHE B 131 19.72 -7.56 12.15
CA PHE B 131 18.71 -6.68 11.58
C PHE B 131 18.45 -7.05 10.13
N ILE B 132 17.21 -6.84 9.70
CA ILE B 132 16.85 -6.85 8.29
C ILE B 132 15.61 -5.98 8.15
N SER B 133 15.46 -5.34 6.98
CA SER B 133 14.36 -4.41 6.79
C SER B 133 13.74 -4.59 5.41
N ALA B 134 12.49 -4.14 5.31
CA ALA B 134 11.74 -4.08 4.07
C ALA B 134 10.98 -2.76 4.01
N ILE B 135 11.00 -2.13 2.84
CA ILE B 135 10.15 -0.97 2.58
C ILE B 135 9.33 -1.28 1.34
N PRO B 136 8.08 -0.85 1.26
CA PRO B 136 7.29 -1.12 0.07
C PRO B 136 7.80 -0.32 -1.12
N ALA B 137 7.72 -0.94 -2.31
CA ALA B 137 8.17 -0.27 -3.51
C ALA B 137 7.46 -0.88 -4.71
N ASN B 138 6.81 -0.03 -5.49
CA ASN B 138 6.26 -0.45 -6.77
C ASN B 138 7.37 -0.46 -7.82
N ILE B 139 7.55 -1.61 -8.46
CA ILE B 139 8.69 -1.86 -9.34
C ILE B 139 8.18 -2.13 -10.75
N HIS B 140 8.79 -1.46 -11.72
CA HIS B 140 8.52 -1.70 -13.13
C HIS B 140 9.64 -2.59 -13.67
N ILE B 141 9.31 -3.82 -14.06
CA ILE B 141 10.28 -4.76 -14.59
C ILE B 141 9.78 -5.21 -15.97
N TYR B 142 10.49 -4.78 -17.02
CA TYR B 142 10.13 -5.05 -18.41
C TYR B 142 8.72 -4.52 -18.66
N ASP B 143 7.75 -5.36 -19.01
CA ASP B 143 6.40 -4.89 -19.33
C ASP B 143 5.45 -5.02 -18.15
N THR B 144 5.96 -5.29 -16.96
CA THR B 144 5.13 -5.59 -15.80
C THR B 144 5.42 -4.59 -14.68
N GLU B 145 4.36 -4.16 -14.00
CA GLU B 145 4.45 -3.32 -12.81
C GLU B 145 3.92 -4.11 -11.63
N LYS B 146 4.75 -4.30 -10.61
CA LYS B 146 4.36 -5.10 -9.45
C LYS B 146 4.66 -4.38 -8.15
N LYS B 147 3.76 -4.51 -7.21
CA LYS B 147 4.03 -4.08 -5.85
C LYS B 147 5.05 -5.04 -5.24
N MET B 148 6.19 -4.50 -4.81
CA MET B 148 7.26 -5.30 -4.22
C MET B 148 7.68 -4.66 -2.90
N VAL B 149 8.69 -5.24 -2.27
CA VAL B 149 9.43 -4.56 -1.22
C VAL B 149 10.89 -4.52 -1.64
N GLU B 150 11.62 -3.58 -1.07
CA GLU B 150 13.07 -3.52 -1.20
C GLU B 150 13.68 -3.97 0.13
N ILE B 151 14.57 -4.97 0.06
CA ILE B 151 15.24 -5.51 1.24
C ILE B 151 16.60 -4.87 1.36
N ASN B 152 16.92 -4.33 2.54
CA ASN B 152 18.21 -3.70 2.74
C ASN B 152 18.57 -3.77 4.23
N PHE B 153 19.85 -3.47 4.51
CA PHE B 153 20.36 -3.42 5.87
C PHE B 153 20.30 -4.78 6.56
N LEU B 154 20.41 -5.85 5.79
CA LEU B 154 20.67 -7.16 6.39
C LEU B 154 22.03 -7.12 7.09
N CYS B 155 22.05 -7.40 8.38
CA CYS B 155 23.28 -7.28 9.14
C CYS B 155 23.28 -8.30 10.28
N VAL B 156 24.34 -9.10 10.35
CA VAL B 156 24.58 -10.06 11.43
C VAL B 156 25.82 -9.61 12.18
N HIS B 157 25.72 -9.52 13.50
CA HIS B 157 26.85 -9.10 14.32
C HIS B 157 28.07 -9.98 14.05
N LYS B 158 29.25 -9.36 14.07
CA LYS B 158 30.48 -10.09 13.76
C LYS B 158 30.65 -11.33 14.61
N LYS B 159 30.21 -11.29 15.86
CA LYS B 159 30.31 -12.44 16.75
C LYS B 159 29.30 -13.52 16.44
N LEU B 160 28.33 -13.26 15.55
CA LEU B 160 27.35 -14.24 15.13
C LEU B 160 27.53 -14.66 13.68
N ARG B 161 28.65 -14.32 13.06
CA ARG B 161 28.87 -14.60 11.65
C ARG B 161 29.05 -16.09 11.39
N SER B 162 28.67 -16.50 10.17
CA SER B 162 28.90 -17.85 9.66
C SER B 162 28.19 -18.90 10.49
N LYS B 163 26.97 -18.58 10.94
CA LYS B 163 26.19 -19.47 11.80
C LYS B 163 24.81 -19.77 11.22
N ARG B 164 24.54 -19.36 9.98
CA ARG B 164 23.24 -19.54 9.33
C ARG B 164 22.16 -18.72 10.01
N VAL B 165 22.52 -17.55 10.52
CA VAL B 165 21.52 -16.61 11.02
C VAL B 165 20.92 -15.78 9.88
N ALA B 166 21.69 -15.47 8.85
CA ALA B 166 21.13 -14.70 7.74
C ALA B 166 19.98 -15.43 7.03
N PRO B 167 20.03 -16.73 6.79
CA PRO B 167 18.83 -17.42 6.30
C PRO B 167 17.62 -17.27 7.22
N VAL B 168 17.82 -17.17 8.53
CA VAL B 168 16.68 -16.99 9.43
C VAL B 168 16.06 -15.62 9.23
N LEU B 169 16.89 -14.57 9.17
CA LEU B 169 16.40 -13.22 8.97
C LEU B 169 15.71 -13.07 7.62
N ILE B 170 16.23 -13.73 6.58
CA ILE B 170 15.64 -13.64 5.26
C ILE B 170 14.27 -14.31 5.23
N ARG B 171 14.18 -15.51 5.81
N ARG B 171 14.17 -15.51 5.81
CA ARG B 171 12.89 -16.21 5.85
CA ARG B 171 12.87 -16.20 5.82
C ARG B 171 11.87 -15.44 6.67
C ARG B 171 11.85 -15.46 6.69
N GLU B 172 12.31 -14.82 7.77
CA GLU B 172 11.38 -14.12 8.65
C GLU B 172 10.83 -12.85 8.01
N ILE B 173 11.69 -12.09 7.33
CA ILE B 173 11.16 -10.91 6.65
C ILE B 173 10.31 -11.33 5.46
N THR B 174 10.67 -12.44 4.81
CA THR B 174 9.82 -12.98 3.75
C THR B 174 8.42 -13.30 4.30
N ARG B 175 8.37 -13.93 5.46
CA ARG B 175 7.09 -14.27 6.08
C ARG B 175 6.28 -13.01 6.41
N ARG B 176 6.94 -11.98 6.95
CA ARG B 176 6.22 -10.78 7.33
C ARG B 176 5.77 -9.98 6.11
N VAL B 177 6.51 -10.07 5.01
CA VAL B 177 6.06 -9.44 3.77
C VAL B 177 4.91 -10.25 3.16
N HIS B 178 4.99 -11.58 3.23
CA HIS B 178 3.91 -12.42 2.72
C HIS B 178 2.58 -12.12 3.41
N LEU B 179 2.63 -11.87 4.72
CA LEU B 179 1.42 -11.54 5.48
C LEU B 179 0.72 -10.31 4.92
N GLU B 180 1.47 -9.39 4.33
CA GLU B 180 0.91 -8.18 3.76
C GLU B 180 0.57 -8.32 2.29
N GLY B 181 0.56 -9.55 1.77
CA GLY B 181 0.11 -9.81 0.42
C GLY B 181 1.11 -9.53 -0.68
N ILE B 182 2.39 -9.36 -0.33
CA ILE B 182 3.44 -9.06 -1.30
C ILE B 182 4.30 -10.31 -1.48
N PHE B 183 4.57 -10.68 -2.73
CA PHE B 183 5.25 -11.93 -3.05
C PHE B 183 6.47 -11.73 -3.94
N GLN B 184 6.84 -10.49 -4.27
CA GLN B 184 8.08 -10.21 -4.99
C GLN B 184 8.89 -9.18 -4.21
N ALA B 185 10.20 -9.22 -4.38
CA ALA B 185 11.08 -8.27 -3.71
C ALA B 185 12.26 -7.95 -4.61
N VAL B 186 12.86 -6.80 -4.36
CA VAL B 186 14.07 -6.39 -5.05
C VAL B 186 15.13 -6.11 -4.00
N TYR B 187 16.38 -6.42 -4.34
CA TYR B 187 17.47 -6.22 -3.41
C TYR B 187 18.78 -6.16 -4.18
N THR B 188 19.79 -5.59 -3.54
CA THR B 188 21.12 -5.51 -4.12
C THR B 188 22.14 -6.05 -3.14
N ALA B 189 23.28 -6.46 -3.69
CA ALA B 189 24.40 -6.95 -2.88
C ALA B 189 25.66 -6.90 -3.71
N GLY B 190 26.80 -6.92 -3.03
CA GLY B 190 28.08 -6.97 -3.68
C GLY B 190 28.59 -8.36 -3.99
N VAL B 191 27.88 -9.39 -3.54
CA VAL B 191 28.27 -10.76 -3.82
C VAL B 191 27.34 -11.31 -4.89
N VAL B 192 27.78 -12.39 -5.54
CA VAL B 192 27.00 -13.03 -6.60
C VAL B 192 26.17 -14.14 -5.97
N LEU B 193 24.86 -14.04 -6.11
CA LEU B 193 23.89 -15.03 -5.66
C LEU B 193 23.04 -15.42 -6.85
N PRO B 194 22.33 -16.54 -6.77
CA PRO B 194 21.31 -16.79 -7.81
C PRO B 194 20.11 -15.86 -7.63
N LYS B 195 19.76 -15.05 -8.63
CA LYS B 195 20.52 -14.87 -9.86
C LYS B 195 20.41 -13.40 -10.23
N PRO B 196 21.54 -12.77 -10.57
CA PRO B 196 21.51 -11.34 -10.85
C PRO B 196 20.68 -11.03 -12.08
N VAL B 197 19.72 -10.12 -11.92
CA VAL B 197 19.02 -9.60 -13.10
C VAL B 197 19.87 -8.56 -13.82
N GLY B 198 20.86 -8.00 -13.14
CA GLY B 198 21.78 -7.05 -13.75
C GLY B 198 22.96 -6.82 -12.85
N THR B 199 24.10 -6.53 -13.46
CA THR B 199 25.34 -6.28 -12.73
C THR B 199 25.84 -4.91 -13.12
N CYS B 200 26.03 -4.05 -12.13
CA CYS B 200 26.55 -2.70 -12.33
C CYS B 200 27.89 -2.56 -11.63
N ARG B 201 28.72 -1.66 -12.16
CA ARG B 201 30.08 -1.43 -11.68
C ARG B 201 30.17 -0.04 -11.09
N TYR B 202 30.74 0.06 -9.89
CA TYR B 202 30.97 1.35 -9.28
C TYR B 202 32.10 2.10 -9.97
N TRP B 203 31.95 3.42 -10.08
CA TRP B 203 33.01 4.31 -10.51
C TRP B 203 33.18 5.40 -9.46
N HIS B 204 34.37 6.00 -9.42
CA HIS B 204 34.75 6.93 -8.37
C HIS B 204 35.39 8.17 -8.98
N ARG B 205 34.93 9.34 -8.54
CA ARG B 205 35.48 10.62 -8.97
C ARG B 205 36.09 11.29 -7.76
N SER B 206 37.42 11.35 -7.73
CA SER B 206 38.12 11.96 -6.61
C SER B 206 37.78 13.44 -6.49
N LEU B 207 37.45 13.86 -5.28
CA LEU B 207 37.19 15.27 -4.98
C LEU B 207 38.21 15.87 -4.02
N ASN B 208 38.75 15.09 -3.10
CA ASN B 208 39.89 15.51 -2.27
C ASN B 208 40.97 14.47 -2.48
N PRO B 209 41.73 14.55 -3.58
CA PRO B 209 42.68 13.48 -3.92
C PRO B 209 43.70 13.20 -2.84
N ARG B 210 44.26 14.23 -2.20
CA ARG B 210 45.27 14.02 -1.18
C ARG B 210 44.74 13.16 -0.04
N LYS B 211 43.53 13.47 0.44
CA LYS B 211 42.96 12.73 1.55
C LYS B 211 42.65 11.29 1.16
N LEU B 212 42.17 11.08 -0.07
CA LEU B 212 41.88 9.73 -0.54
C LEU B 212 43.14 8.87 -0.60
N ILE B 213 44.29 9.46 -0.91
CA ILE B 213 45.50 8.67 -1.05
C ILE B 213 46.16 8.41 0.30
N GLU B 214 46.05 9.37 1.23
CA GLU B 214 46.61 9.16 2.57
C GLU B 214 45.93 8.00 3.29
N VAL B 215 44.66 7.73 2.98
CA VAL B 215 43.90 6.66 3.62
C VAL B 215 43.88 5.40 2.76
N LYS B 216 44.61 5.39 1.65
CA LYS B 216 44.71 4.26 0.74
C LYS B 216 43.37 3.89 0.11
N PHE B 217 42.40 4.81 0.11
CA PHE B 217 41.20 4.59 -0.67
C PHE B 217 41.52 4.59 -2.16
N SER B 218 42.23 5.61 -2.61
CA SER B 218 42.77 5.66 -3.96
C SER B 218 44.29 5.60 -3.89
N HIS B 219 44.92 5.63 -5.05
CA HIS B 219 46.36 5.45 -5.17
C HIS B 219 46.87 6.31 -6.31
N LEU B 220 48.05 6.89 -6.14
CA LEU B 220 48.64 7.68 -7.22
C LEU B 220 48.89 6.80 -8.43
N SER B 221 48.61 7.33 -9.61
CA SER B 221 48.86 6.61 -10.85
C SER B 221 50.36 6.49 -11.10
N MET B 224 52.70 9.65 -11.56
CA MET B 224 52.11 10.95 -11.25
C MET B 224 52.63 11.48 -9.93
N THR B 225 52.55 12.80 -9.75
CA THR B 225 52.92 13.44 -8.50
C THR B 225 51.67 13.73 -7.67
N MET B 226 51.85 13.76 -6.35
CA MET B 226 50.75 14.18 -5.47
C MET B 226 50.33 15.62 -5.73
N GLN B 227 51.14 16.38 -6.47
CA GLN B 227 50.75 17.70 -6.96
C GLN B 227 50.22 17.66 -8.39
N ARG B 228 50.64 16.67 -9.18
CA ARG B 228 50.05 16.47 -10.51
C ARG B 228 48.59 16.06 -10.40
N THR B 229 48.30 15.13 -9.50
CA THR B 229 46.93 14.60 -9.35
C THR B 229 45.98 15.67 -8.84
N MET B 230 46.41 16.46 -7.85
CA MET B 230 45.56 17.54 -7.34
C MET B 230 45.11 18.47 -8.46
N LYS B 231 46.01 18.80 -9.38
CA LYS B 231 45.63 19.64 -10.52
C LYS B 231 44.74 18.89 -11.49
N LEU B 232 44.90 17.56 -11.58
CA LEU B 232 44.04 16.77 -12.45
C LEU B 232 42.59 16.86 -12.02
N TYR B 233 42.33 16.80 -10.72
CA TYR B 233 40.98 16.68 -10.18
C TYR B 233 40.43 17.98 -9.62
N ARG B 234 41.13 19.10 -9.84
CA ARG B 234 40.58 20.38 -9.41
C ARG B 234 39.33 20.70 -10.21
N LEU B 235 38.36 21.32 -9.54
CA LEU B 235 37.09 21.68 -10.13
C LEU B 235 36.86 23.18 -10.02
N PRO B 236 35.96 23.72 -10.83
CA PRO B 236 35.52 25.11 -10.60
C PRO B 236 34.95 25.26 -9.20
N GLU B 237 35.01 26.51 -8.72
CA GLU B 237 34.46 26.81 -7.40
C GLU B 237 32.95 26.92 -7.41
N THR B 238 32.34 27.08 -8.57
CA THR B 238 30.93 27.42 -8.69
C THR B 238 30.27 26.62 -9.81
N PRO B 239 29.01 26.24 -9.65
CA PRO B 239 28.29 25.58 -10.75
C PRO B 239 28.11 26.54 -11.92
N LYS B 240 27.86 25.98 -13.10
CA LYS B 240 27.74 26.80 -14.30
C LYS B 240 26.34 26.80 -14.91
N THR B 241 25.56 25.74 -14.71
CA THR B 241 24.26 25.64 -15.37
C THR B 241 23.33 26.76 -14.91
N ALA B 242 22.68 27.40 -15.87
CA ALA B 242 21.79 28.52 -15.60
C ALA B 242 20.62 28.11 -14.71
N GLY B 243 20.34 28.93 -13.70
CA GLY B 243 19.17 28.72 -12.87
C GLY B 243 19.22 27.47 -12.02
N LEU B 244 20.41 26.93 -11.77
CA LEU B 244 20.52 25.79 -10.87
C LEU B 244 20.32 26.25 -9.43
N ARG B 245 19.42 25.58 -8.71
CA ARG B 245 19.12 25.93 -7.34
C ARG B 245 18.61 24.69 -6.62
N PRO B 246 18.64 24.67 -5.29
CA PRO B 246 18.11 23.51 -4.56
C PRO B 246 16.62 23.31 -4.81
N MET B 247 16.21 22.05 -4.81
CA MET B 247 14.80 21.72 -4.95
C MET B 247 14.00 22.30 -3.78
N GLU B 248 12.82 22.82 -4.09
CA GLU B 248 11.91 23.38 -3.10
C GLU B 248 10.57 22.66 -3.17
N THR B 249 9.70 22.96 -2.21
CA THR B 249 8.41 22.28 -2.11
C THR B 249 7.60 22.43 -3.39
N LYS B 250 7.64 23.63 -4.00
CA LYS B 250 6.87 23.89 -5.21
C LYS B 250 7.34 23.06 -6.40
N ASP B 251 8.53 22.46 -6.32
CA ASP B 251 9.08 21.65 -7.41
C ASP B 251 8.68 20.19 -7.33
N ILE B 252 8.01 19.76 -6.26
CA ILE B 252 7.68 18.34 -6.11
C ILE B 252 6.88 17.80 -7.31
N PRO B 253 5.83 18.47 -7.79
CA PRO B 253 5.11 17.92 -8.95
C PRO B 253 5.98 17.77 -10.19
N VAL B 254 6.69 18.82 -10.58
CA VAL B 254 7.47 18.76 -11.82
C VAL B 254 8.64 17.79 -11.68
N VAL B 255 9.24 17.69 -10.49
CA VAL B 255 10.29 16.70 -10.27
C VAL B 255 9.72 15.29 -10.43
N HIS B 256 8.51 15.06 -9.91
CA HIS B 256 7.86 13.78 -10.12
C HIS B 256 7.56 13.54 -11.58
N GLN B 257 7.07 14.56 -12.28
CA GLN B 257 6.77 14.44 -13.70
C GLN B 257 8.05 14.16 -14.51
N LEU B 258 9.12 14.89 -14.21
CA LEU B 258 10.37 14.68 -14.92
C LEU B 258 10.91 13.27 -14.69
N LEU B 259 10.88 12.81 -13.44
CA LEU B 259 11.40 11.49 -13.13
C LEU B 259 10.59 10.40 -13.82
N THR B 260 9.27 10.47 -13.73
CA THR B 260 8.41 9.42 -14.26
C THR B 260 8.61 9.22 -15.76
N ARG B 261 8.66 10.32 -16.52
CA ARG B 261 8.82 10.20 -17.96
C ARG B 261 10.21 9.74 -18.34
N TYR B 262 11.23 10.21 -17.61
CA TYR B 262 12.60 9.82 -17.93
C TYR B 262 12.84 8.33 -17.68
N LEU B 263 12.24 7.79 -16.62
CA LEU B 263 12.48 6.38 -16.28
C LEU B 263 11.85 5.39 -17.26
N LYS B 264 10.95 5.84 -18.14
CA LYS B 264 10.28 4.91 -19.05
C LYS B 264 11.26 4.15 -19.93
N GLN B 265 12.41 4.74 -20.24
CA GLN B 265 13.33 4.16 -21.20
C GLN B 265 14.09 2.96 -20.65
N PHE B 266 14.07 2.74 -19.34
CA PHE B 266 14.80 1.63 -18.74
C PHE B 266 13.84 0.47 -18.45
N HIS B 267 14.44 -0.66 -18.06
CA HIS B 267 13.68 -1.89 -17.86
C HIS B 267 13.51 -2.31 -16.41
N LEU B 268 14.28 -1.73 -15.49
CA LEU B 268 14.12 -2.01 -14.06
C LEU B 268 14.13 -0.66 -13.35
N THR B 269 12.95 -0.17 -12.97
CA THR B 269 12.81 1.16 -12.42
C THR B 269 11.81 1.14 -11.28
N PRO B 270 11.93 2.06 -10.33
CA PRO B 270 10.85 2.26 -9.36
C PRO B 270 9.74 3.10 -9.98
N VAL B 271 8.54 2.92 -9.44
CA VAL B 271 7.37 3.69 -9.83
C VAL B 271 6.97 4.47 -8.59
N MET B 272 7.27 5.77 -8.58
CA MET B 272 7.14 6.61 -7.39
C MET B 272 5.88 7.46 -7.47
N SER B 273 5.11 7.47 -6.38
CA SER B 273 4.06 8.45 -6.24
C SER B 273 4.67 9.83 -5.99
N GLN B 274 3.82 10.86 -6.01
CA GLN B 274 4.30 12.21 -5.73
C GLN B 274 4.73 12.35 -4.27
N GLU B 275 4.02 11.68 -3.36
CA GLU B 275 4.47 11.63 -1.97
C GLU B 275 5.82 10.94 -1.85
N GLU B 276 6.07 9.91 -2.68
CA GLU B 276 7.35 9.22 -2.64
C GLU B 276 8.46 10.07 -3.23
N VAL B 277 8.17 10.83 -4.29
CA VAL B 277 9.17 11.75 -4.83
C VAL B 277 9.55 12.79 -3.77
N GLU B 278 8.56 13.32 -3.04
CA GLU B 278 8.86 14.28 -1.99
C GLU B 278 9.78 13.68 -0.95
N HIS B 279 9.50 12.45 -0.52
CA HIS B 279 10.33 11.82 0.50
C HIS B 279 11.75 11.57 0.01
N TRP B 280 11.91 11.07 -1.22
CA TRP B 280 13.22 10.63 -1.68
C TRP B 280 14.07 11.77 -2.22
N PHE B 281 13.48 12.92 -2.56
CA PHE B 281 14.24 13.97 -3.21
C PHE B 281 14.23 15.32 -2.51
N TYR B 282 13.29 15.58 -1.60
CA TYR B 282 13.28 16.87 -0.93
C TYR B 282 14.55 17.00 -0.10
N PRO B 283 15.34 18.06 -0.28
CA PRO B 283 16.68 18.07 0.31
C PRO B 283 16.65 18.04 1.82
N GLN B 284 17.53 17.21 2.39
CA GLN B 284 17.78 17.16 3.83
C GLN B 284 19.28 17.19 4.02
N GLU B 285 19.78 18.24 4.67
CA GLU B 285 21.21 18.42 4.82
C GLU B 285 21.87 17.17 5.40
N ASN B 286 22.99 16.77 4.78
CA ASN B 286 23.78 15.61 5.17
C ASN B 286 23.05 14.30 4.96
N ILE B 287 22.03 14.28 4.09
CA ILE B 287 21.29 13.06 3.77
C ILE B 287 21.08 12.99 2.26
N ILE B 288 20.32 13.95 1.72
CA ILE B 288 19.92 13.95 0.33
C ILE B 288 19.97 15.38 -0.20
N ASP B 289 20.65 15.57 -1.32
CA ASP B 289 20.70 16.87 -2.01
C ASP B 289 20.08 16.73 -3.38
N THR B 290 19.20 17.66 -3.73
CA THR B 290 18.57 17.70 -5.04
C THR B 290 18.58 19.14 -5.54
N PHE B 291 19.10 19.33 -6.75
CA PHE B 291 19.18 20.65 -7.37
C PHE B 291 18.41 20.61 -8.69
N VAL B 292 17.51 21.56 -8.86
CA VAL B 292 16.70 21.65 -10.06
C VAL B 292 17.25 22.76 -10.94
N VAL B 293 16.96 22.67 -12.24
CA VAL B 293 17.31 23.69 -13.23
C VAL B 293 16.03 24.41 -13.60
N GLU B 294 15.93 25.69 -13.23
CA GLU B 294 14.78 26.53 -13.54
C GLU B 294 15.19 27.56 -14.58
N ASN B 295 14.61 27.48 -15.77
CA ASN B 295 15.08 28.26 -16.91
C ASN B 295 14.55 29.69 -16.85
N ALA B 296 14.70 30.42 -17.96
CA ALA B 296 14.29 31.81 -18.02
C ALA B 296 12.77 31.98 -17.99
N ASN B 297 12.02 30.92 -18.27
CA ASN B 297 10.56 30.95 -18.21
C ASN B 297 10.02 30.59 -16.84
N GLY B 298 10.87 30.24 -15.88
CA GLY B 298 10.37 29.76 -14.61
C GLY B 298 9.99 28.30 -14.60
N GLU B 299 10.29 27.58 -15.68
N GLU B 299 10.30 27.58 -15.68
CA GLU B 299 10.00 26.15 -15.76
CA GLU B 299 10.00 26.15 -15.77
C GLU B 299 11.22 25.35 -15.33
C GLU B 299 11.21 25.33 -15.37
N VAL B 300 10.97 24.26 -14.61
CA VAL B 300 12.02 23.34 -14.21
C VAL B 300 12.19 22.29 -15.30
N THR B 301 13.41 22.17 -15.82
CA THR B 301 13.68 21.32 -16.97
C THR B 301 14.57 20.13 -16.67
N ASP B 302 15.37 20.17 -15.60
CA ASP B 302 16.29 19.09 -15.28
C ASP B 302 16.49 19.06 -13.78
N PHE B 303 17.05 17.95 -13.28
CA PHE B 303 17.50 17.93 -11.90
C PHE B 303 18.59 16.89 -11.72
N LEU B 304 19.37 17.09 -10.67
CA LEU B 304 20.40 16.16 -10.24
C LEU B 304 20.21 15.89 -8.75
N SER B 305 20.72 14.75 -8.30
CA SER B 305 20.59 14.43 -6.89
C SER B 305 21.65 13.42 -6.49
N PHE B 306 22.07 13.51 -5.23
CA PHE B 306 23.03 12.58 -4.64
C PHE B 306 22.80 12.52 -3.15
N TYR B 307 23.02 11.35 -2.56
CA TYR B 307 22.83 11.18 -1.12
C TYR B 307 24.17 11.00 -0.41
N THR B 308 24.12 11.18 0.91
CA THR B 308 25.30 11.28 1.76
C THR B 308 25.50 9.95 2.50
N LEU B 309 26.60 9.27 2.21
CA LEU B 309 26.93 8.00 2.86
C LEU B 309 28.41 8.00 3.20
N PRO B 310 28.77 8.47 4.39
CA PRO B 310 30.17 8.41 4.81
C PRO B 310 30.56 7.03 5.28
N SER B 311 31.87 6.77 5.23
CA SER B 311 32.43 5.50 5.67
C SER B 311 33.45 5.74 6.79
N THR B 312 33.43 4.88 7.81
CA THR B 312 34.46 4.92 8.83
C THR B 312 35.78 4.44 8.27
N ILE B 313 36.87 5.08 8.67
CA ILE B 313 38.21 4.66 8.31
C ILE B 313 38.81 3.97 9.52
N MET B 314 39.09 2.67 9.40
CA MET B 314 39.58 1.89 10.53
C MET B 314 41.10 1.92 10.60
N ASN B 315 41.62 1.89 11.83
CA ASN B 315 43.04 1.70 12.10
C ASN B 315 43.90 2.82 11.54
N HIS B 316 43.35 4.03 11.46
CA HIS B 316 44.14 5.20 11.07
C HIS B 316 44.17 6.19 12.23
N PRO B 317 45.35 6.72 12.57
CA PRO B 317 45.45 7.59 13.75
C PRO B 317 44.86 8.98 13.56
N THR B 318 44.77 9.49 12.34
CA THR B 318 44.36 10.87 12.11
C THR B 318 43.07 10.99 11.31
N HIS B 319 42.93 10.24 10.22
CA HIS B 319 41.73 10.29 9.40
C HIS B 319 40.74 9.23 9.88
N LYS B 320 39.61 9.68 10.42
CA LYS B 320 38.61 8.78 10.99
C LYS B 320 37.42 8.52 10.07
N SER B 321 37.13 9.44 9.16
CA SER B 321 35.90 9.37 8.36
C SER B 321 36.18 9.76 6.92
N LEU B 322 35.59 9.01 5.99
CA LEU B 322 35.59 9.34 4.57
C LEU B 322 34.18 9.80 4.22
N LYS B 323 34.09 10.94 3.54
CA LYS B 323 32.79 11.52 3.20
C LYS B 323 32.54 11.32 1.71
N ALA B 324 31.54 10.50 1.39
CA ALA B 324 31.25 10.11 0.01
C ALA B 324 29.84 10.51 -0.37
N ALA B 325 29.69 11.02 -1.60
CA ALA B 325 28.40 11.29 -2.18
C ALA B 325 28.08 10.24 -3.23
N TYR B 326 26.84 9.80 -3.26
CA TYR B 326 26.39 8.76 -4.18
C TYR B 326 25.38 9.34 -5.14
N SER B 327 25.69 9.26 -6.44
CA SER B 327 24.73 9.69 -7.45
C SER B 327 23.42 8.95 -7.30
N PHE B 328 22.31 9.70 -7.38
CA PHE B 328 21.00 9.14 -7.15
C PHE B 328 20.27 9.11 -8.48
N TYR B 329 19.43 10.09 -8.79
CA TYR B 329 18.76 10.19 -10.08
C TYR B 329 19.08 11.53 -10.71
N ASN B 330 19.42 11.51 -12.00
CA ASN B 330 19.79 12.70 -12.74
C ASN B 330 18.96 12.72 -14.01
N VAL B 331 18.01 13.64 -14.09
CA VAL B 331 17.08 13.75 -15.19
C VAL B 331 17.40 15.01 -15.98
N HIS B 332 17.63 14.85 -17.28
CA HIS B 332 17.94 15.95 -18.17
C HIS B 332 16.91 16.00 -19.28
N THR B 333 16.45 17.20 -19.62
CA THR B 333 15.61 17.37 -20.81
C THR B 333 16.10 18.55 -21.65
N GLN B 334 16.67 19.56 -21.00
CA GLN B 334 17.24 20.71 -21.69
C GLN B 334 18.72 20.94 -21.40
N THR B 335 19.24 20.46 -20.27
CA THR B 335 20.65 20.56 -19.96
C THR B 335 21.34 19.25 -20.32
N PRO B 336 22.49 19.28 -21.02
CA PRO B 336 23.19 18.03 -21.31
C PRO B 336 23.61 17.34 -20.03
N LEU B 337 23.52 16.01 -20.03
CA LEU B 337 23.81 15.24 -18.82
C LEU B 337 25.24 15.48 -18.34
N LEU B 338 26.18 15.63 -19.27
CA LEU B 338 27.56 15.94 -18.88
C LEU B 338 27.61 17.21 -18.03
N ASP B 339 26.96 18.28 -18.51
CA ASP B 339 26.95 19.53 -17.76
C ASP B 339 26.29 19.36 -16.41
N LEU B 340 25.19 18.59 -16.37
CA LEU B 340 24.46 18.40 -15.11
C LEU B 340 25.34 17.69 -14.06
N MET B 341 26.06 16.66 -14.48
CA MET B 341 26.90 15.92 -13.53
C MET B 341 28.15 16.70 -13.15
N SER B 342 28.67 17.53 -14.06
CA SER B 342 29.80 18.38 -13.70
C SER B 342 29.44 19.31 -12.55
N ASP B 343 28.23 19.87 -12.58
CA ASP B 343 27.79 20.72 -11.47
C ASP B 343 27.63 19.91 -10.19
N ALA B 344 27.12 18.68 -10.30
CA ALA B 344 27.04 17.80 -9.13
C ALA B 344 28.40 17.61 -8.48
N LEU B 345 29.43 17.38 -9.29
CA LEU B 345 30.79 17.29 -8.76
C LEU B 345 31.17 18.57 -8.03
N VAL B 346 30.93 19.72 -8.67
CA VAL B 346 31.22 21.01 -8.05
C VAL B 346 30.42 21.17 -6.76
N LEU B 347 29.14 20.83 -6.79
CA LEU B 347 28.31 20.95 -5.59
C LEU B 347 28.78 19.99 -4.50
N ALA B 348 29.19 18.78 -4.87
CA ALA B 348 29.73 17.85 -3.89
C ALA B 348 31.04 18.37 -3.30
N LYS B 349 31.91 18.89 -4.15
CA LYS B 349 33.14 19.53 -3.69
C LYS B 349 32.82 20.63 -2.68
N MET B 350 31.89 21.52 -3.04
CA MET B 350 31.52 22.62 -2.16
C MET B 350 31.07 22.14 -0.80
N LYS B 351 30.34 21.02 -0.76
CA LYS B 351 29.70 20.55 0.45
C LYS B 351 30.61 19.69 1.32
N GLY B 352 31.86 19.48 0.93
CA GLY B 352 32.82 18.79 1.76
C GLY B 352 33.06 17.33 1.44
N PHE B 353 32.51 16.81 0.34
CA PHE B 353 32.71 15.41 0.01
C PHE B 353 34.13 15.16 -0.48
N ASP B 354 34.67 14.00 -0.10
CA ASP B 354 35.99 13.58 -0.56
C ASP B 354 35.95 12.81 -1.87
N VAL B 355 34.84 12.13 -2.15
CA VAL B 355 34.70 11.35 -3.37
C VAL B 355 33.23 11.36 -3.79
N PHE B 356 33.01 11.24 -5.09
CA PHE B 356 31.67 11.18 -5.67
C PHE B 356 31.56 9.84 -6.38
N ASN B 357 30.64 9.01 -5.91
CA ASN B 357 30.48 7.67 -6.43
C ASN B 357 29.26 7.58 -7.35
N ALA B 358 29.34 6.67 -8.32
CA ALA B 358 28.22 6.40 -9.21
C ALA B 358 28.41 5.01 -9.80
N LEU B 359 27.31 4.44 -10.30
CA LEU B 359 27.33 3.18 -11.03
C LEU B 359 27.25 3.45 -12.53
N ASP B 360 27.47 2.39 -13.31
CA ASP B 360 27.35 2.46 -14.76
C ASP B 360 25.96 2.10 -15.27
N LEU B 361 24.93 2.33 -14.46
CA LEU B 361 23.57 2.11 -14.90
C LEU B 361 23.02 3.36 -15.58
N MET B 362 21.81 3.26 -16.12
CA MET B 362 21.12 4.34 -16.83
C MET B 362 22.07 4.87 -17.92
N GLU B 363 22.21 6.18 -18.09
CA GLU B 363 23.10 6.75 -19.09
C GLU B 363 24.45 7.15 -18.52
N ASN B 364 24.86 6.57 -17.39
CA ASN B 364 26.03 7.10 -16.69
C ASN B 364 27.31 6.87 -17.47
N LYS B 365 27.39 5.82 -18.29
CA LYS B 365 28.60 5.58 -19.06
C LYS B 365 28.88 6.69 -20.05
N THR B 366 27.89 7.55 -20.32
CA THR B 366 28.13 8.68 -21.22
C THR B 366 28.98 9.77 -20.59
N PHE B 367 29.16 9.78 -19.26
CA PHE B 367 29.89 10.86 -18.63
C PHE B 367 30.97 10.43 -17.64
N LEU B 368 31.02 9.16 -17.24
CA LEU B 368 31.92 8.75 -16.17
C LEU B 368 33.37 9.05 -16.52
N GLU B 369 33.86 8.47 -17.63
CA GLU B 369 35.24 8.71 -18.03
C GLU B 369 35.48 10.19 -18.35
N LYS B 370 34.53 10.83 -19.04
CA LYS B 370 34.72 12.22 -19.44
C LYS B 370 34.84 13.14 -18.24
N LEU B 371 34.16 12.86 -17.14
CA LEU B 371 34.30 13.63 -15.92
C LEU B 371 35.36 13.06 -14.99
N LYS B 372 36.26 12.23 -15.52
CA LYS B 372 37.45 11.74 -14.81
C LYS B 372 37.09 10.79 -13.67
N PHE B 373 35.98 10.09 -13.79
CA PHE B 373 35.72 8.95 -12.91
C PHE B 373 36.71 7.84 -13.21
N GLY B 374 37.18 7.18 -12.16
CA GLY B 374 38.00 5.98 -12.28
C GLY B 374 37.17 4.77 -11.89
N ILE B 375 37.36 3.66 -12.63
CA ILE B 375 36.59 2.46 -12.35
C ILE B 375 36.95 1.92 -10.98
N GLY B 376 36.00 1.23 -10.35
CA GLY B 376 36.21 0.62 -9.06
C GLY B 376 36.40 -0.89 -9.18
N ASP B 377 36.72 -1.51 -8.05
CA ASP B 377 36.88 -2.95 -7.98
C ASP B 377 35.61 -3.69 -7.58
N GLY B 378 34.58 -2.97 -7.14
CA GLY B 378 33.37 -3.58 -6.61
C GLY B 378 32.22 -3.46 -7.58
N ASN B 379 31.42 -4.52 -7.65
CA ASN B 379 30.19 -4.56 -8.43
C ASN B 379 29.00 -4.40 -7.49
N LEU B 380 27.87 -4.00 -8.06
CA LEU B 380 26.60 -4.05 -7.36
C LEU B 380 25.69 -4.96 -8.18
N GLN B 381 25.31 -6.09 -7.61
CA GLN B 381 24.41 -7.02 -8.25
C GLN B 381 22.97 -6.65 -7.90
N TYR B 382 22.08 -6.72 -8.89
CA TYR B 382 20.67 -6.45 -8.70
C TYR B 382 19.88 -7.75 -8.77
N TYR B 383 18.90 -7.91 -7.88
CA TYR B 383 18.19 -9.17 -7.74
C TYR B 383 16.69 -8.94 -7.61
N LEU B 384 15.92 -9.90 -8.11
CA LEU B 384 14.49 -9.99 -7.86
C LEU B 384 14.20 -11.30 -7.16
N TYR B 385 13.29 -11.27 -6.20
CA TYR B 385 12.86 -12.47 -5.47
C TYR B 385 11.51 -12.91 -6.03
N ASN B 386 11.42 -14.18 -6.42
CA ASN B 386 10.21 -14.77 -7.00
C ASN B 386 9.75 -14.00 -8.23
N TRP B 387 10.70 -13.62 -9.09
CA TRP B 387 10.36 -13.10 -10.41
C TRP B 387 11.43 -13.54 -11.39
N LYS B 388 11.08 -14.46 -12.27
CA LYS B 388 12.00 -14.99 -13.27
C LYS B 388 11.83 -14.18 -14.56
N CYS B 389 12.92 -13.56 -15.00
CA CYS B 389 12.89 -12.72 -16.19
C CYS B 389 14.30 -12.70 -16.77
N PRO B 390 14.45 -12.28 -18.02
CA PRO B 390 15.80 -12.19 -18.60
C PRO B 390 16.63 -11.13 -17.90
N SER B 391 17.93 -11.40 -17.80
CA SER B 391 18.85 -10.39 -17.30
C SER B 391 18.96 -9.24 -18.30
N MET B 392 19.56 -8.15 -17.84
CA MET B 392 19.67 -6.94 -18.66
C MET B 392 21.04 -6.32 -18.46
N GLY B 393 21.44 -5.50 -19.44
CA GLY B 393 22.65 -4.72 -19.30
C GLY B 393 22.50 -3.63 -18.27
N ALA B 394 23.65 -3.10 -17.82
CA ALA B 394 23.64 -2.05 -16.81
C ALA B 394 22.87 -0.83 -17.27
N GLU B 395 23.03 -0.45 -18.55
CA GLU B 395 22.38 0.76 -19.05
C GLU B 395 20.86 0.68 -19.03
N LYS B 396 20.29 -0.50 -18.83
CA LYS B 396 18.84 -0.65 -18.69
C LYS B 396 18.38 -0.70 -17.23
N VAL B 397 19.31 -0.71 -16.29
CA VAL B 397 18.97 -0.69 -14.87
C VAL B 397 18.73 0.75 -14.45
N GLY B 398 17.54 1.03 -13.92
CA GLY B 398 17.17 2.36 -13.49
C GLY B 398 16.72 2.41 -12.05
N LEU B 399 17.38 1.64 -11.20
CA LEU B 399 16.94 1.48 -9.82
C LEU B 399 17.93 2.06 -8.81
N ASP C 2 -23.21 0.42 2.33
CA ASP C 2 -24.63 0.14 2.25
C ASP C 2 -25.46 1.41 2.12
N CYS C 3 -26.56 1.33 1.34
CA CYS C 3 -27.66 2.28 1.36
C CYS C 3 -28.86 1.62 2.03
N PHE C 4 -29.99 2.32 2.07
CA PHE C 4 -31.12 1.80 2.83
C PHE C 4 -32.11 1.07 1.95
N SER C 5 -32.65 -0.03 2.49
CA SER C 5 -33.70 -0.79 1.82
C SER C 5 -34.59 -1.42 2.90
N LYS C 6 -35.85 -1.64 2.54
CA LYS C 6 -36.80 -2.34 3.41
C LYS C 6 -37.70 -3.16 2.51
N PRO C 7 -38.30 -4.23 3.02
CA PRO C 7 -39.04 -5.15 2.14
C PRO C 7 -40.07 -4.43 1.29
N ARG C 8 -40.09 -4.75 -0.01
CA ARG C 8 -41.03 -4.15 -0.95
C ARG C 8 -42.47 -4.52 -0.59
N GLY D 1 20.20 -0.25 -1.90
N GLY D 1 21.13 0.87 -0.07
CA GLY D 1 21.30 -0.38 -0.97
CA GLY D 1 21.31 -0.31 -0.91
C GLY D 1 22.62 -0.23 -1.70
C GLY D 1 22.61 -0.26 -1.68
N ASP D 2 23.70 -0.07 -0.96
CA ASP D 2 25.03 0.07 -1.53
C ASP D 2 25.98 -0.96 -0.94
N CYS D 3 27.00 -1.31 -1.72
N CYS D 3 27.00 -1.29 -1.73
CA CYS D 3 28.11 -2.11 -1.23
CA CYS D 3 28.11 -2.14 -1.33
C CYS D 3 29.40 -1.38 -1.55
C CYS D 3 29.41 -1.39 -1.60
N PHE D 4 30.50 -1.84 -0.96
CA PHE D 4 31.73 -1.10 -1.04
C PHE D 4 32.48 -1.35 -2.34
N SER D 5 33.12 -0.29 -2.83
CA SER D 5 34.05 -0.35 -3.94
C SER D 5 35.09 0.74 -3.71
N LYS D 6 36.20 0.64 -4.44
CA LYS D 6 37.24 1.64 -4.37
C LYS D 6 38.04 1.57 -5.68
N PRO D 7 38.72 2.64 -6.06
CA PRO D 7 39.35 2.68 -7.39
C PRO D 7 40.29 1.51 -7.61
N ARG D 8 40.13 0.85 -8.75
CA ARG D 8 41.05 -0.18 -9.19
C ARG D 8 42.44 0.43 -9.38
S1 MYA E . -22.46 6.50 -0.69
C2 MYA E . -23.13 7.33 0.79
C3 MYA E . -23.46 8.79 0.49
N4 MYA E . -23.93 9.46 1.71
C5 MYA E . -25.22 9.71 1.90
O5 MYA E . -26.10 9.38 1.10
C6 MYA E . -25.55 10.43 3.22
C7 MYA E . -26.76 11.36 3.06
N8 MYA E . -26.53 12.36 1.99
C9 MYA E . -25.58 13.31 2.07
O9 MYA E . -24.84 13.48 3.04
C10 MYA E . -25.52 14.26 0.86
O10 MYA E . -26.80 14.32 0.24
C11 MYA E . -24.45 13.81 -0.16
C12 MYA E . -24.58 14.67 -1.41
C13 MYA E . -24.62 12.33 -0.53
C14 MYA E . -23.05 14.02 0.42
N1A MYA E . -22.15 9.68 -4.45
O1A MYA E . -23.29 18.74 -2.48
P1A MYA E . -24.33 18.52 -3.51
C1X MYA E . -23.74 14.11 -6.65
C2A MYA E . -21.46 10.45 -5.38
O2A MYA E . -25.12 19.67 -4.00
P2A MYA E . -25.63 17.10 -1.44
C2M MYA E . -20.75 6.89 -0.48
O2M MYA E . -20.26 7.34 0.56
C2X MYA E . -24.99 14.62 -7.28
O2X MYA E . -25.43 13.70 -8.30
N3A MYA E . -22.07 11.62 -5.85
O3A MYA E . -25.34 17.38 -3.01
C3M MYA E . -19.87 6.64 -1.71
C3X MYA E . -24.45 15.88 -7.91
O3X MYA E . -23.60 15.57 -9.02
P3X MYA E . -24.17 15.83 -10.50
C4A MYA E . -23.28 11.96 -5.40
O4A MYA E . -25.42 18.34 -0.67
C4M MYA E . -19.58 8.00 -2.35
C4X MYA E . -23.62 16.41 -6.72
O4X MYA E . -23.35 15.24 -5.88
C5A MYA E . -23.93 11.20 -4.51
O5A MYA E . -26.93 16.40 -1.36
C5M MYA E . -18.59 7.86 -3.52
C5X MYA E . -24.46 17.33 -5.84
O5X MYA E . -23.64 17.81 -4.76
C6A MYA E . -23.36 10.08 -4.05
N6A MYA E . -24.05 9.37 -3.15
O6A MYA E . -24.45 16.05 -1.06
C6M MYA E . -18.28 9.25 -4.08
N7A MYA E . -25.09 11.80 -4.26
O7A MYA E . -23.15 15.20 -11.37
C7M MYA E . -17.55 9.13 -5.43
C8A MYA E . -25.16 12.90 -4.99
O8A MYA E . -25.46 15.14 -10.47
C8M MYA E . -16.05 8.88 -5.22
N9A MYA E . -24.05 13.00 -5.71
O9A MYA E . -24.21 17.30 -10.60
C9M MYA E . -15.36 8.73 -6.58
CAM MYA E . -13.92 8.23 -6.39
CBM MYA E . -13.03 9.36 -5.83
CCM MYA E . -11.62 8.85 -5.55
CDM MYA E . -10.84 8.68 -6.86
CEM MYA E . -9.44 8.14 -6.55
CFM MYA E . -8.76 7.70 -7.85
C1 GOL F . -34.65 -3.37 21.54
O1 GOL F . -34.89 -4.61 20.93
C2 GOL F . -35.96 -2.61 21.68
O2 GOL F . -37.04 -3.52 21.60
C3 GOL F . -36.05 -1.59 20.55
O3 GOL F . -35.07 -0.59 20.72
C1 GOL G . -20.23 -27.87 -2.64
O1 GOL G . -20.13 -26.79 -3.54
C2 GOL G . -20.99 -27.41 -1.40
O2 GOL G . -20.17 -26.54 -0.66
C3 GOL G . -21.34 -28.61 -0.54
O3 GOL G . -22.05 -29.55 -1.31
C1 GOL H . -17.42 2.18 -14.25
O1 GOL H . -18.39 1.81 -13.30
C2 GOL H . -17.75 1.60 -15.62
O2 GOL H . -16.68 0.83 -16.13
C3 GOL H . -19.03 0.78 -15.58
O3 GOL H . -18.92 -0.37 -16.37
CL CL I . -7.16 7.97 11.68
S1 MYA J . 23.06 -6.45 1.11
C2 MYA J . 24.06 -6.11 2.60
C3 MYA J . 24.39 -7.37 3.41
N4 MYA J . 24.98 -6.97 4.70
C5 MYA J . 26.30 -6.91 4.86
O5 MYA J . 27.11 -7.18 3.98
C6 MYA J . 26.77 -6.47 6.25
C7 MYA J . 28.02 -7.24 6.68
N8 MYA J . 27.79 -8.69 6.66
C9 MYA J . 26.96 -9.31 7.50
O9 MYA J . 26.33 -8.74 8.39
C10 MYA J . 26.87 -10.83 7.32
O10 MYA J . 28.10 -11.30 6.75
C11 MYA J . 25.69 -11.22 6.40
C12 MYA J . 25.71 -12.74 6.15
C13 MYA J . 25.79 -10.50 5.06
C14 MYA J . 24.37 -10.86 7.08
N1A MYA J . 22.33 -11.33 0.64
O1A MYA J . 24.36 -16.39 8.41
P1A MYA J . 25.29 -16.98 7.44
C1X MYA J . 23.93 -16.11 2.18
C2A MYA J . 21.59 -12.52 0.59
O2A MYA J . 26.09 -18.16 7.82
P2A MYA J . 26.76 -14.58 7.72
C2M MYA J . 21.44 -6.45 1.81
O2M MYA J . 21.17 -5.95 2.90
C2X MYA J . 25.19 -16.93 2.07
O2X MYA J . 25.61 -16.99 0.69
N3A MYA J . 22.19 -13.69 1.05
O3A MYA J . 26.26 -15.83 6.84
C3M MYA J . 20.36 -7.13 0.97
C3X MYA J . 24.64 -18.26 2.54
O3X MYA J . 23.65 -18.75 1.63
P3X MYA J . 24.01 -19.98 0.70
C4A MYA J . 23.44 -13.67 1.52
O4A MYA J . 26.64 -14.95 9.15
C4M MYA J . 20.16 -8.55 1.50
C4X MYA J . 24.00 -17.77 3.82
O4X MYA J . 23.56 -16.40 3.55
C5A MYA J . 24.12 -12.52 1.56
O5A MYA J . 28.06 -14.13 7.18
C5M MYA J . 18.97 -9.21 0.79
C5X MYA J . 25.07 -17.63 4.90
O5X MYA J . 24.42 -17.35 6.13
C6A MYA J . 23.58 -11.37 1.12
N6A MYA J . 24.31 -10.28 1.19
O6A MYA J . 25.66 -13.44 7.40
C6M MYA J . 18.59 -10.52 1.49
N7A MYA J . 25.33 -12.79 2.07
O7A MYA J . 22.76 -20.19 -0.06
C7M MYA J . 17.71 -11.37 0.56
C8A MYA J . 25.39 -14.09 2.34
O8A MYA J . 25.13 -19.49 -0.12
C8M MYA J . 16.26 -10.86 0.58
N9A MYA J . 24.22 -14.65 2.01
O9A MYA J . 24.33 -21.04 1.66
C9M MYA J . 15.41 -11.71 -0.35
CAM MYA J . 13.98 -11.13 -0.41
CBM MYA J . 13.17 -11.54 0.84
CCM MYA J . 11.80 -10.85 0.81
CDM MYA J . 10.84 -11.63 -0.10
CEM MYA J . 9.44 -11.01 -0.04
CFM MYA J . 8.50 -11.75 -1.01
C1 GOL K . 3.43 4.50 -8.08
O1 GOL K . 3.48 4.42 -6.68
C2 GOL K . 2.46 5.57 -8.56
O2 GOL K . 3.13 6.77 -8.83
C3 GOL K . 1.78 5.13 -9.84
O3 GOL K . 0.87 4.10 -9.51
C1 GOL L . 0.44 -5.03 -0.76
O1 GOL L . 0.55 -3.62 -0.91
C2 GOL L . -0.70 -5.55 -1.64
O2 GOL L . -0.19 -6.18 -2.80
C3 GOL L . -1.56 -6.50 -0.82
O3 GOL L . -2.35 -5.77 0.10
C1 GOL M . 15.95 -12.69 -10.72
O1 GOL M . 16.91 -11.83 -10.16
C2 GOL M . 15.91 -12.51 -12.23
O2 GOL M . 14.92 -13.35 -12.79
C3 GOL M . 17.28 -12.83 -12.81
O3 GOL M . 17.27 -12.61 -14.20
#